data_9B65
#
_entry.id   9B65
#
loop_
_entity.id
_entity.type
_entity.pdbx_description
1 polymer 'Guanine nucleotide-binding protein G(i) subunit alpha-1'
2 polymer 'Guanine nucleotide-binding protein G(I)/G(S)/G(T) subunit beta-1'
3 polymer 'Guanine nucleotide-binding protein G(I)/G(S)/G(O) subunit gamma-2'
4 polymer 'Cannabinoid receptor 1'
5 polymer scFv16
6 non-polymer 'methyl N-{1-[(4-fluorophenyl)methyl]-1H-indazole-3-carbonyl}-3-methyl-L-valinate'
#
loop_
_entity_poly.entity_id
_entity_poly.type
_entity_poly.pdbx_seq_one_letter_code
_entity_poly.pdbx_strand_id
1 'polypeptide(L)'
;MGCTLSAEDKAAVERSKMIDRNLREDGEKAAREVKLLLLGAGESGKSTIVKQMKIIHEAGYSEEECKQYKAVVYSNTIQS
IIAIIRAMGRLKIDFGDSARADDARQLFVLAGAAEEGFMTAELAGVIKRLWKDSGVQACFNRSREYQLNDSAAYYLNDLD
RIAQPNYIPTQQDVLRTRVKTTGIVETHFTFKDLHFKMFDVGGQRSERKKWIHCFEGVTAIIFCVALSDYDLVLAEDEEM
NRMHESMKLFDSICNNKWFTDTSIILFLNKKDLFEEKIKKSPLTICYPEYAGSNTYEEAAAYIQCQFEDLNKRKDTKEIY
THFTCATDTKNVQFVFDAVTDVIIKNNLKDCGLF
;
A
2 'polypeptide(L)'
;PGSSGSELDQLRQEAEQLKNQIRDARKACADATLSQITNNIDPVGRIQMRTRRTLRGHLAKIYAMHWGTDSRLLVSASQD
GKLIIWDSYTTNKVHAIPLRSSWVMTCAYAPSGNYVACGGLDNICSIYNLKTREGNVRVSRELAGHTGYLSCCRFLDDNQ
IVTSSGDTTCALWDIETGQQTTTFTGHTGDVMSLSLAPDTRLFVSGACDASAKLWDVREGMCRQTFTGHESDINAICFFP
NGNAFATGSDDATCRLFDLRADQELMTYSHDNIICGITSVSFSKSGRLLLAGYDDFNCNVWDALKADRAGVLAGHDNRVS
CLGVTDDGMAVATGSWDSFLKIWN
;
B
3 'polypeptide(L)' MASNNTASIAQARKLVEQLKMEANIDRIKVSKAAADLMAYCEAHAKEDPLLTPVPASENPFREKKFFCAIL C
4 'polypeptide(L)'
;DYKDDDDAMKSILDGLADTTFRTITTDLLYVGSNDIQYEDIKGDMASKLGYFPQKFPLTSFRGSPFQEKMTAGDNPQLVP
ADQVNITEFYNKSLSENLYFQGSFKENEENIQCGENFMDIECFMVLNPSQQLAIAVLSLTLGTFTVLENLLVLCVILHSR
SLRCRPSYHFIGSLAVADLLGSVIFVYSFIDFHVFHRKDSRNVFLFKLGGVTASFTASVGSLFLTAIDRYISIHRPLAYK
RIVTRPKAVVAFCLMWTIAIVIAVLPLLGWNCEKLQSVCSDIFPHIDETYLMFWIGVTSVLLLFIVYAYMYILWKAHSHA
VRMIQRGTQKSIIIHTSEDGKVQVTRPDQARMDIRLAKTLVLILVVLIICWGPLLAIMVYDVFGKMNKLIKTVFAFCSML
CLLNSTVNPIIYALRSKDLRHAFRSMFPSCEGTAQPLDNSMGDSDCLHKHANNAASVHRAAESCIKSTVKIAKVTMSVST
DTSAEALGSHHHHHH
;
R
5 'polypeptide(L)'
;DVQLVESGGGLVQPGGSRKLSCSASGFAFSSFGMHWVRQAPEKGLEWVAYISSGSGTIYYADTVKGRFTISRDDPKNTLF
LQMTSLRSEDTAMYYCVRSIYYYGSSPFDFWGQGTTLTVSSGGGGSGGGGSGGGGSDIVMTQATSSVPVTPGESVSISCR
SSKSLLHSNGNTYLYWFLQRPGQSPQLLIYRMSNLASGVPDRFSGSGSGTAFTLTISRLEAEDVGVYYCMQHLEYPLTFG
AGTKLELKAAAHHHHHHHH
;
S
#
loop_
_chem_comp.id
_chem_comp.type
_chem_comp.name
_chem_comp.formula
KCA non-polymer 'methyl N-{1-[(4-fluorophenyl)methyl]-1H-indazole-3-carbonyl}-3-methyl-L-valinate' 'C22 H24 F N3 O3'
#
# COMPACT_ATOMS: atom_id res chain seq x y z
N CYS A 3 -13.20 26.65 2.49
CA CYS A 3 -12.53 25.38 2.22
C CYS A 3 -11.87 24.85 3.48
N THR A 4 -11.54 25.76 4.38
CA THR A 4 -10.87 25.45 5.65
C THR A 4 -9.47 24.89 5.45
N LEU A 5 -8.90 25.06 4.25
CA LEU A 5 -7.48 24.78 4.02
C LEU A 5 -6.73 26.08 3.85
N SER A 6 -5.75 26.29 4.72
CA SER A 6 -4.91 27.47 4.62
C SER A 6 -4.05 27.40 3.35
N ALA A 7 -3.31 28.48 3.10
CA ALA A 7 -2.48 28.54 1.92
C ALA A 7 -1.39 27.47 1.94
N GLU A 8 -0.95 27.08 3.12
CA GLU A 8 0.06 26.02 3.22
C GLU A 8 -0.56 24.64 3.34
N ASP A 9 -1.78 24.53 3.87
CA ASP A 9 -2.47 23.26 3.85
C ASP A 9 -2.89 22.85 2.46
N LYS A 10 -2.97 23.81 1.53
CA LYS A 10 -3.33 23.48 0.16
C LYS A 10 -2.10 23.11 -0.66
N ALA A 11 -0.96 23.72 -0.36
CA ALA A 11 0.28 23.34 -1.02
C ALA A 11 0.81 22.02 -0.49
N ALA A 12 0.42 21.64 0.73
CA ALA A 12 0.79 20.34 1.24
C ALA A 12 -0.04 19.24 0.61
N VAL A 13 -1.24 19.57 0.15
CA VAL A 13 -2.08 18.60 -0.54
C VAL A 13 -1.70 18.50 -2.00
N GLU A 14 -1.24 19.59 -2.59
CA GLU A 14 -0.64 19.51 -3.91
C GLU A 14 0.64 18.69 -3.90
N ARG A 15 1.41 18.76 -2.81
CA ARG A 15 2.55 17.87 -2.65
C ARG A 15 2.11 16.43 -2.51
N SER A 16 1.02 16.20 -1.78
CA SER A 16 0.55 14.83 -1.57
C SER A 16 0.05 14.22 -2.86
N LYS A 17 -0.68 14.99 -3.66
CA LYS A 17 -1.20 14.46 -4.91
C LYS A 17 -0.12 14.29 -5.96
N MET A 18 1.00 14.99 -5.81
CA MET A 18 2.12 14.78 -6.71
C MET A 18 2.99 13.61 -6.28
N ILE A 19 2.94 13.23 -5.00
CA ILE A 19 3.52 11.97 -4.57
C ILE A 19 2.62 10.81 -4.94
N ASP A 20 1.31 11.05 -4.98
CA ASP A 20 0.38 9.98 -5.36
C ASP A 20 0.60 9.52 -6.78
N ARG A 21 0.90 10.45 -7.69
CA ARG A 21 1.08 10.03 -9.07
C ARG A 21 2.42 9.35 -9.27
N ASN A 22 3.47 9.79 -8.58
CA ASN A 22 4.74 9.09 -8.66
C ASN A 22 4.67 7.69 -8.08
N LEU A 23 3.81 7.47 -7.08
CA LEU A 23 3.61 6.12 -6.58
C LEU A 23 2.75 5.31 -7.54
N ARG A 24 1.68 5.92 -8.05
CA ARG A 24 0.86 5.26 -9.06
C ARG A 24 1.65 5.00 -10.33
N GLU A 25 2.54 5.92 -10.70
CA GLU A 25 3.33 5.73 -11.91
C GLU A 25 4.48 4.77 -11.68
N ASP A 26 5.16 4.89 -10.54
CA ASP A 26 6.29 4.00 -10.27
C ASP A 26 5.84 2.57 -10.02
N GLY A 27 4.57 2.36 -9.72
CA GLY A 27 4.04 1.01 -9.65
C GLY A 27 3.68 0.45 -11.01
N GLU A 28 3.21 1.30 -11.91
CA GLU A 28 2.98 0.86 -13.29
C GLU A 28 4.28 0.50 -13.98
N LYS A 29 5.38 1.16 -13.61
CA LYS A 29 6.67 0.85 -14.21
C LYS A 29 7.27 -0.43 -13.66
N ALA A 30 6.85 -0.85 -12.47
CA ALA A 30 7.28 -2.12 -11.89
C ALA A 30 6.21 -3.19 -11.98
N ALA A 31 5.12 -2.93 -12.69
CA ALA A 31 4.16 -3.96 -13.04
C ALA A 31 4.45 -4.58 -14.39
N ARG A 32 5.24 -3.91 -15.23
CA ARG A 32 5.66 -4.45 -16.51
C ARG A 32 6.70 -5.55 -16.37
N GLU A 33 7.16 -5.84 -15.16
CA GLU A 33 8.28 -6.72 -14.93
C GLU A 33 7.78 -7.99 -14.25
N VAL A 34 8.17 -9.14 -14.79
CA VAL A 34 7.76 -10.42 -14.25
C VAL A 34 8.75 -10.83 -13.17
N LYS A 35 8.26 -11.08 -11.97
CA LYS A 35 9.09 -11.44 -10.84
C LYS A 35 9.13 -12.96 -10.70
N LEU A 36 10.33 -13.49 -10.49
CA LEU A 36 10.55 -14.93 -10.47
C LEU A 36 11.43 -15.29 -9.29
N LEU A 37 10.85 -16.01 -8.33
CA LEU A 37 11.65 -16.59 -7.26
C LEU A 37 12.54 -17.68 -7.84
N LEU A 38 13.77 -17.79 -7.34
CA LEU A 38 14.69 -18.82 -7.78
C LEU A 38 15.07 -19.68 -6.58
N LEU A 39 14.77 -20.96 -6.64
CA LEU A 39 15.01 -21.84 -5.51
C LEU A 39 15.83 -23.05 -5.90
N GLY A 40 15.97 -23.99 -4.98
CA GLY A 40 16.67 -25.24 -5.24
C GLY A 40 17.87 -25.38 -4.32
N ALA A 41 18.16 -26.62 -3.94
CA ALA A 41 19.32 -26.87 -3.08
C ALA A 41 20.58 -26.48 -3.85
N GLY A 42 21.18 -25.36 -3.47
CA GLY A 42 22.16 -24.72 -4.32
C GLY A 42 23.56 -25.28 -4.24
N GLU A 43 23.90 -26.14 -5.19
CA GLU A 43 25.27 -26.63 -5.32
C GLU A 43 25.92 -26.15 -6.61
N SER A 44 25.32 -26.43 -7.74
CA SER A 44 25.93 -26.13 -9.04
C SER A 44 24.96 -25.53 -10.05
N GLY A 45 23.65 -25.76 -9.89
CA GLY A 45 22.71 -25.34 -10.89
C GLY A 45 22.22 -23.91 -10.78
N LYS A 46 21.85 -23.47 -9.57
CA LYS A 46 21.29 -22.12 -9.43
C LYS A 46 22.30 -21.05 -9.81
N SER A 47 23.57 -21.28 -9.54
CA SER A 47 24.58 -20.27 -9.81
C SER A 47 24.86 -20.14 -11.30
N THR A 48 24.56 -21.17 -12.08
CA THR A 48 24.85 -21.12 -13.51
C THR A 48 23.67 -20.63 -14.34
N ILE A 49 22.44 -20.86 -13.88
CA ILE A 49 21.28 -20.45 -14.68
C ILE A 49 21.10 -18.94 -14.63
N VAL A 50 21.43 -18.30 -13.52
CA VAL A 50 21.44 -16.84 -13.52
C VAL A 50 22.61 -16.32 -14.34
N LYS A 51 23.70 -17.08 -14.39
CA LYS A 51 24.75 -16.83 -15.35
C LYS A 51 24.41 -17.40 -16.73
N GLN A 52 23.46 -18.34 -16.79
CA GLN A 52 22.97 -18.86 -18.06
C GLN A 52 22.12 -17.84 -18.81
N MET A 53 21.73 -16.75 -18.15
CA MET A 53 20.76 -15.82 -18.72
C MET A 53 21.21 -14.36 -18.70
N LYS A 54 22.05 -13.97 -17.75
CA LYS A 54 22.58 -12.61 -17.68
C LYS A 54 21.48 -11.58 -17.48
N THR A 182 23.82 -9.88 -0.14
CA THR A 182 23.97 -11.18 0.47
C THR A 182 22.62 -11.83 0.77
N GLY A 183 21.64 -11.00 1.10
CA GLY A 183 20.34 -11.52 1.49
C GLY A 183 19.44 -11.81 0.31
N ILE A 184 19.44 -10.93 -0.68
CA ILE A 184 18.64 -11.10 -1.88
C ILE A 184 19.52 -10.72 -3.06
N VAL A 185 19.29 -11.34 -4.20
CA VAL A 185 20.12 -11.13 -5.39
C VAL A 185 19.19 -10.99 -6.58
N GLU A 186 18.92 -9.75 -6.99
CA GLU A 186 18.11 -9.51 -8.16
C GLU A 186 18.94 -9.67 -9.43
N THR A 187 18.27 -10.00 -10.53
CA THR A 187 18.94 -10.23 -11.80
C THR A 187 17.96 -9.89 -12.91
N HIS A 188 18.24 -8.84 -13.66
CA HIS A 188 17.38 -8.40 -14.75
C HIS A 188 17.81 -9.08 -16.04
N PHE A 189 16.85 -9.44 -16.86
CA PHE A 189 17.17 -9.91 -18.21
C PHE A 189 15.95 -9.69 -19.09
N THR A 190 16.10 -8.84 -20.10
CA THR A 190 15.01 -8.52 -21.00
C THR A 190 15.05 -9.46 -22.17
N PHE A 191 14.08 -10.37 -22.24
CA PHE A 191 14.00 -11.30 -23.35
C PHE A 191 12.71 -11.04 -24.12
N LYS A 192 12.85 -10.51 -25.33
CA LYS A 192 11.73 -10.35 -26.26
C LYS A 192 10.71 -9.36 -25.72
N ASP A 193 11.20 -8.16 -25.42
CA ASP A 193 10.38 -7.04 -24.97
C ASP A 193 9.66 -7.33 -23.66
N LEU A 194 10.23 -8.19 -22.82
CA LEU A 194 9.63 -8.56 -21.55
C LEU A 194 10.72 -8.52 -20.48
N HIS A 195 10.59 -7.60 -19.53
CA HIS A 195 11.61 -7.35 -18.53
C HIS A 195 11.40 -8.31 -17.35
N PHE A 196 12.37 -9.20 -17.12
CA PHE A 196 12.29 -10.16 -16.04
C PHE A 196 13.13 -9.71 -14.85
N LYS A 197 12.60 -9.91 -13.65
CA LYS A 197 13.36 -9.83 -12.41
C LYS A 197 13.39 -11.20 -11.78
N MET A 198 14.57 -11.65 -11.38
CA MET A 198 14.76 -12.98 -10.83
C MET A 198 15.41 -12.86 -9.46
N PHE A 199 14.69 -13.24 -8.42
CA PHE A 199 15.12 -13.05 -7.03
C PHE A 199 15.70 -14.35 -6.51
N ASP A 200 17.02 -14.39 -6.38
CA ASP A 200 17.69 -15.54 -5.79
C ASP A 200 17.82 -15.34 -4.30
N VAL A 201 17.30 -16.29 -3.52
CA VAL A 201 17.28 -16.19 -2.07
C VAL A 201 18.19 -17.21 -1.41
N GLY A 202 19.15 -17.74 -2.16
CA GLY A 202 20.00 -18.79 -1.63
C GLY A 202 20.87 -18.33 -0.47
N GLY A 203 21.30 -17.08 -0.49
CA GLY A 203 22.21 -16.59 0.52
C GLY A 203 21.51 -15.98 1.72
N GLN A 204 20.28 -16.38 1.98
CA GLN A 204 19.55 -15.84 3.13
C GLN A 204 19.90 -16.62 4.40
N ARG A 205 19.67 -17.93 4.40
CA ARG A 205 20.06 -18.79 5.52
C ARG A 205 19.38 -18.35 6.81
N SER A 206 18.05 -18.44 6.81
CA SER A 206 17.24 -18.17 7.98
C SER A 206 16.09 -19.17 7.96
N GLU A 207 15.19 -19.05 8.94
CA GLU A 207 13.98 -19.84 8.86
C GLU A 207 13.17 -19.37 7.67
N ARG A 208 13.17 -20.18 6.62
CA ARG A 208 12.51 -19.82 5.37
C ARG A 208 11.02 -19.55 5.57
N LYS A 209 10.41 -20.14 6.60
CA LYS A 209 8.98 -19.95 6.83
C LYS A 209 8.61 -18.53 7.21
N LYS A 210 9.58 -17.69 7.60
CA LYS A 210 9.29 -16.34 8.06
C LYS A 210 9.38 -15.28 6.98
N TRP A 211 10.26 -15.46 6.00
CA TRP A 211 10.37 -14.52 4.89
C TRP A 211 9.81 -15.06 3.59
N ILE A 212 9.32 -16.30 3.56
CA ILE A 212 8.87 -16.86 2.29
C ILE A 212 7.59 -16.18 1.83
N HIS A 213 6.75 -15.73 2.77
CA HIS A 213 5.54 -15.02 2.38
C HIS A 213 5.83 -13.66 1.76
N CYS A 214 7.06 -13.14 1.91
CA CYS A 214 7.42 -11.91 1.22
C CYS A 214 7.31 -12.09 -0.29
N PHE A 215 7.54 -13.29 -0.78
CA PHE A 215 7.53 -13.57 -2.20
C PHE A 215 6.20 -14.09 -2.68
N GLU A 216 5.16 -14.03 -1.85
CA GLU A 216 3.83 -14.34 -2.33
C GLU A 216 3.47 -13.37 -3.43
N GLY A 217 3.19 -13.89 -4.61
CA GLY A 217 2.82 -13.07 -5.74
C GLY A 217 3.86 -12.94 -6.84
N VAL A 218 4.82 -13.85 -6.90
CA VAL A 218 5.68 -13.94 -8.07
C VAL A 218 4.94 -14.68 -9.17
N THR A 219 5.28 -14.38 -10.42
CA THR A 219 4.69 -15.10 -11.54
C THR A 219 4.97 -16.59 -11.45
N ALA A 220 6.23 -16.94 -11.17
CA ALA A 220 6.64 -18.34 -11.18
C ALA A 220 7.81 -18.53 -10.24
N ILE A 221 8.13 -19.79 -9.98
CA ILE A 221 9.17 -20.17 -9.04
C ILE A 221 10.14 -21.07 -9.81
N ILE A 222 11.18 -20.49 -10.38
CA ILE A 222 12.20 -21.27 -11.07
C ILE A 222 12.93 -22.12 -10.04
N PHE A 223 12.70 -23.42 -10.06
CA PHE A 223 13.25 -24.33 -9.06
C PHE A 223 14.36 -25.14 -9.72
N CYS A 224 15.57 -24.59 -9.69
CA CYS A 224 16.71 -25.28 -10.27
C CYS A 224 17.02 -26.57 -9.53
N VAL A 225 17.34 -27.62 -10.28
CA VAL A 225 17.64 -28.93 -9.72
C VAL A 225 18.76 -29.55 -10.54
N ALA A 226 19.65 -30.27 -9.87
CA ALA A 226 20.79 -30.92 -10.52
C ALA A 226 20.47 -32.39 -10.70
N LEU A 227 20.43 -32.84 -11.96
CA LEU A 227 20.35 -34.27 -12.24
C LEU A 227 21.60 -35.02 -11.83
N SER A 228 22.70 -34.31 -11.56
CA SER A 228 23.95 -34.92 -11.17
C SER A 228 24.07 -35.12 -9.67
N ASP A 229 22.94 -35.18 -8.96
CA ASP A 229 22.94 -35.36 -7.52
C ASP A 229 22.17 -36.59 -7.08
N TYR A 230 21.75 -37.45 -8.01
CA TYR A 230 21.15 -38.72 -7.62
C TYR A 230 22.17 -39.63 -6.96
N ASP A 231 23.46 -39.33 -7.12
CA ASP A 231 24.57 -40.13 -6.62
C ASP A 231 25.53 -39.24 -5.84
N LEU A 232 24.99 -38.38 -4.97
CA LEU A 232 25.81 -37.51 -4.13
C LEU A 232 25.12 -37.24 -2.80
N MET A 240 23.47 -39.97 -3.00
CA MET A 240 22.08 -40.04 -3.43
C MET A 240 21.19 -39.23 -2.51
N ASN A 241 21.73 -38.85 -1.35
CA ASN A 241 20.96 -38.10 -0.36
C ASN A 241 20.83 -36.64 -0.73
N ARG A 242 21.35 -36.22 -1.89
CA ARG A 242 21.21 -34.84 -2.33
C ARG A 242 20.03 -34.69 -3.29
N MET A 243 19.95 -35.56 -4.30
CA MET A 243 18.76 -35.59 -5.15
C MET A 243 17.50 -35.84 -4.34
N HIS A 244 17.60 -36.65 -3.28
CA HIS A 244 16.44 -36.94 -2.47
C HIS A 244 16.15 -35.82 -1.48
N GLU A 245 17.09 -34.90 -1.28
CA GLU A 245 16.85 -33.71 -0.47
C GLU A 245 16.25 -32.58 -1.28
N SER A 246 16.66 -32.45 -2.54
CA SER A 246 16.01 -31.50 -3.43
C SER A 246 14.53 -31.82 -3.61
N MET A 247 14.19 -33.10 -3.59
CA MET A 247 12.79 -33.49 -3.60
C MET A 247 12.11 -33.19 -2.27
N LYS A 248 12.87 -32.99 -1.20
CA LYS A 248 12.29 -32.62 0.07
C LYS A 248 12.05 -31.12 0.15
N LEU A 249 12.80 -30.34 -0.64
CA LEU A 249 12.61 -28.90 -0.65
C LEU A 249 11.54 -28.51 -1.66
N PHE A 250 11.56 -29.16 -2.83
CA PHE A 250 10.49 -28.98 -3.80
C PHE A 250 9.12 -29.24 -3.20
N ASP A 251 9.01 -30.28 -2.36
CA ASP A 251 7.73 -30.57 -1.75
C ASP A 251 7.36 -29.54 -0.70
N SER A 252 8.35 -28.79 -0.20
CA SER A 252 8.06 -27.81 0.84
C SER A 252 7.50 -26.52 0.27
N ILE A 253 8.04 -26.05 -0.87
CA ILE A 253 7.55 -24.79 -1.44
C ILE A 253 6.42 -25.05 -2.42
N CYS A 254 6.45 -26.19 -3.11
CA CYS A 254 5.35 -26.54 -4.00
C CYS A 254 4.04 -26.72 -3.26
N ASN A 255 4.08 -26.95 -1.94
CA ASN A 255 2.88 -27.19 -1.16
C ASN A 255 2.73 -26.21 -0.01
N ASN A 256 3.41 -25.07 -0.07
CA ASN A 256 3.10 -24.00 0.86
C ASN A 256 1.66 -23.54 0.69
N LYS A 257 1.17 -22.82 1.70
CA LYS A 257 -0.10 -22.14 1.56
C LYS A 257 0.05 -20.84 0.80
N TRP A 258 1.25 -20.30 0.72
CA TRP A 258 1.48 -19.04 0.04
C TRP A 258 1.64 -19.21 -1.46
N PHE A 259 1.86 -20.42 -1.94
CA PHE A 259 2.12 -20.64 -3.35
C PHE A 259 1.14 -21.63 -3.97
N THR A 260 -0.16 -21.45 -3.69
CA THR A 260 -1.13 -22.39 -4.24
C THR A 260 -1.48 -22.08 -5.68
N ASP A 261 -1.18 -20.88 -6.16
CA ASP A 261 -1.48 -20.49 -7.53
C ASP A 261 -0.23 -20.22 -8.36
N THR A 262 0.96 -20.41 -7.78
CA THR A 262 2.22 -20.10 -8.43
C THR A 262 2.76 -21.35 -9.11
N SER A 263 2.93 -21.28 -10.42
CA SER A 263 3.49 -22.43 -11.12
C SER A 263 4.98 -22.53 -10.85
N ILE A 264 5.59 -23.61 -11.33
CA ILE A 264 6.99 -23.87 -11.09
C ILE A 264 7.66 -24.20 -12.42
N ILE A 265 8.60 -23.37 -12.83
CA ILE A 265 9.38 -23.63 -14.05
C ILE A 265 10.59 -24.45 -13.61
N LEU A 266 10.36 -25.75 -13.47
CA LEU A 266 11.38 -26.63 -12.91
C LEU A 266 12.46 -26.90 -13.95
N PHE A 267 13.68 -26.48 -13.66
CA PHE A 267 14.83 -26.82 -14.48
C PHE A 267 15.53 -28.04 -13.91
N LEU A 268 16.08 -28.86 -14.81
CA LEU A 268 16.85 -30.04 -14.43
C LEU A 268 18.23 -29.88 -15.04
N ASN A 269 19.21 -29.54 -14.21
CA ASN A 269 20.50 -29.05 -14.67
C ASN A 269 21.49 -30.18 -14.94
N LYS A 270 22.39 -29.91 -15.88
CA LYS A 270 23.53 -30.77 -16.17
C LYS A 270 23.08 -32.15 -16.65
N LYS A 271 22.27 -32.16 -17.72
CA LYS A 271 21.91 -33.45 -18.29
C LYS A 271 23.06 -34.03 -19.11
N ASP A 272 24.11 -33.24 -19.34
CA ASP A 272 25.35 -33.82 -19.85
C ASP A 272 26.04 -34.65 -18.77
N LEU A 273 26.18 -34.09 -17.57
CA LEU A 273 26.75 -34.87 -16.47
C LEU A 273 25.86 -36.02 -16.08
N PHE A 274 24.56 -35.94 -16.35
CA PHE A 274 23.71 -37.09 -16.15
C PHE A 274 23.86 -38.11 -17.26
N GLU A 275 24.43 -37.72 -18.40
CA GLU A 275 24.74 -38.68 -19.44
C GLU A 275 25.74 -39.72 -18.94
N GLU A 276 26.94 -39.27 -18.59
CA GLU A 276 28.01 -40.21 -18.26
C GLU A 276 28.06 -40.58 -16.79
N LYS A 277 27.26 -39.96 -15.92
CA LYS A 277 27.16 -40.51 -14.57
C LYS A 277 26.42 -41.83 -14.58
N ILE A 278 25.37 -41.95 -15.40
CA ILE A 278 24.68 -43.22 -15.53
C ILE A 278 25.55 -44.23 -16.27
N LYS A 279 26.48 -43.74 -17.10
CA LYS A 279 27.34 -44.65 -17.85
C LYS A 279 28.16 -45.55 -16.92
N LYS A 280 28.55 -45.02 -15.76
CA LYS A 280 29.15 -45.86 -14.73
C LYS A 280 28.18 -46.08 -13.58
N SER A 281 27.70 -44.99 -12.97
CA SER A 281 26.85 -45.05 -11.80
C SER A 281 25.40 -45.12 -12.23
N PRO A 282 24.74 -46.27 -12.15
CA PRO A 282 23.36 -46.38 -12.64
C PRO A 282 22.40 -45.63 -11.73
N LEU A 283 21.12 -45.71 -12.09
CA LEU A 283 20.05 -45.21 -11.26
C LEU A 283 19.68 -46.31 -10.26
N THR A 284 18.56 -46.14 -9.56
CA THR A 284 18.04 -47.03 -8.50
C THR A 284 18.82 -46.88 -7.20
N ILE A 285 19.91 -46.11 -7.18
CA ILE A 285 20.60 -45.86 -5.93
C ILE A 285 19.87 -44.81 -5.11
N CYS A 286 19.37 -43.76 -5.76
CA CYS A 286 18.53 -42.77 -5.12
C CYS A 286 17.04 -43.13 -5.20
N TYR A 287 16.67 -44.05 -6.08
CA TYR A 287 15.28 -44.49 -6.23
C TYR A 287 15.26 -46.01 -6.24
N PRO A 288 15.11 -46.63 -5.07
CA PRO A 288 15.11 -48.11 -5.03
C PRO A 288 13.94 -48.74 -5.77
N GLU A 289 12.78 -48.09 -5.81
CA GLU A 289 11.63 -48.66 -6.47
C GLU A 289 11.66 -48.50 -7.98
N TYR A 290 12.74 -47.95 -8.54
CA TYR A 290 12.86 -47.74 -9.98
C TYR A 290 13.14 -49.05 -10.67
N ALA A 291 12.13 -49.58 -11.37
CA ALA A 291 12.26 -50.80 -12.16
C ALA A 291 12.17 -50.40 -13.63
N GLY A 292 13.31 -50.03 -14.20
CA GLY A 292 13.33 -49.58 -15.58
C GLY A 292 14.69 -49.57 -16.23
N SER A 293 14.79 -48.91 -17.37
CA SER A 293 16.03 -48.86 -18.13
C SER A 293 17.08 -48.02 -17.40
N ASN A 294 18.26 -47.95 -18.00
CA ASN A 294 19.32 -47.05 -17.56
C ASN A 294 19.88 -46.20 -18.70
N THR A 295 19.22 -46.20 -19.85
CA THR A 295 19.76 -45.56 -21.05
C THR A 295 19.30 -44.12 -21.22
N TYR A 296 18.97 -43.43 -20.14
CA TYR A 296 18.63 -42.01 -20.16
C TYR A 296 17.25 -41.75 -20.75
N GLU A 297 16.60 -42.80 -21.28
CA GLU A 297 15.27 -42.62 -21.86
C GLU A 297 14.21 -42.58 -20.77
N GLU A 298 14.04 -43.67 -20.03
CA GLU A 298 13.24 -43.64 -18.82
C GLU A 298 14.06 -43.23 -17.62
N ALA A 299 15.37 -43.06 -17.78
CA ALA A 299 16.22 -42.66 -16.67
C ALA A 299 15.92 -41.23 -16.25
N ALA A 300 16.10 -40.27 -17.17
CA ALA A 300 15.80 -38.89 -16.86
C ALA A 300 14.31 -38.69 -16.59
N ALA A 301 13.46 -39.21 -17.48
CA ALA A 301 12.03 -38.98 -17.35
C ALA A 301 11.43 -39.62 -16.11
N TYR A 302 12.18 -40.46 -15.40
CA TYR A 302 11.71 -40.94 -14.10
C TYR A 302 11.97 -39.90 -13.00
N ILE A 303 13.01 -39.08 -13.16
CA ILE A 303 13.17 -37.90 -12.31
C ILE A 303 11.98 -36.96 -12.51
N GLN A 304 11.69 -36.64 -13.77
CA GLN A 304 10.65 -35.66 -14.10
C GLN A 304 9.29 -36.09 -13.60
N CYS A 305 9.07 -37.38 -13.37
CA CYS A 305 7.80 -37.83 -12.83
C CYS A 305 7.81 -37.79 -11.30
N GLN A 306 8.98 -37.95 -10.68
CA GLN A 306 9.02 -37.95 -9.22
C GLN A 306 8.77 -36.56 -8.65
N PHE A 307 9.36 -35.54 -9.27
CA PHE A 307 9.07 -34.17 -8.85
C PHE A 307 7.62 -33.80 -9.11
N GLU A 308 7.16 -33.96 -10.35
CA GLU A 308 5.79 -33.58 -10.70
C GLU A 308 4.76 -34.42 -9.94
N ASP A 309 5.13 -35.60 -9.44
CA ASP A 309 4.22 -36.31 -8.55
C ASP A 309 4.18 -35.69 -7.16
N LEU A 310 5.24 -34.98 -6.77
CA LEU A 310 5.24 -34.30 -5.48
C LEU A 310 4.27 -33.13 -5.46
N ASN A 311 3.86 -32.62 -6.61
CA ASN A 311 2.81 -31.62 -6.66
C ASN A 311 1.54 -32.19 -6.04
N LYS A 312 1.14 -31.62 -4.91
CA LYS A 312 -0.10 -32.01 -4.26
C LYS A 312 -1.28 -31.13 -4.68
N ARG A 313 -1.04 -30.11 -5.49
CA ARG A 313 -2.08 -29.25 -6.04
C ARG A 313 -1.96 -29.34 -7.55
N LYS A 314 -2.58 -30.37 -8.15
CA LYS A 314 -2.51 -30.50 -9.59
C LYS A 314 -3.44 -29.55 -10.32
N ASP A 315 -4.45 -29.01 -9.63
CA ASP A 315 -5.43 -28.15 -10.28
C ASP A 315 -5.00 -26.69 -10.31
N THR A 316 -4.53 -26.15 -9.19
CA THR A 316 -4.20 -24.74 -9.09
C THR A 316 -2.72 -24.45 -9.33
N LYS A 317 -1.96 -25.42 -9.82
CA LYS A 317 -0.54 -25.23 -10.09
C LYS A 317 -0.12 -26.12 -11.24
N GLU A 318 0.73 -25.60 -12.11
CA GLU A 318 1.24 -26.35 -13.24
C GLU A 318 2.76 -26.29 -13.23
N ILE A 319 3.41 -27.45 -13.08
CA ILE A 319 4.85 -27.54 -13.21
C ILE A 319 5.21 -27.60 -14.68
N TYR A 320 6.19 -26.79 -15.07
CA TYR A 320 6.68 -26.71 -16.45
C TYR A 320 8.13 -27.16 -16.45
N THR A 321 8.33 -28.47 -16.55
CA THR A 321 9.67 -29.03 -16.47
C THR A 321 10.44 -28.78 -17.76
N HIS A 322 11.75 -28.61 -17.63
CA HIS A 322 12.63 -28.44 -18.77
C HIS A 322 13.99 -29.01 -18.42
N PHE A 323 14.62 -29.66 -19.38
CA PHE A 323 15.95 -30.22 -19.24
C PHE A 323 16.93 -29.22 -19.84
N THR A 324 17.65 -28.51 -18.97
CA THR A 324 18.43 -27.36 -19.40
C THR A 324 19.49 -27.75 -20.41
N CYS A 325 19.56 -27.00 -21.51
CA CYS A 325 20.44 -27.36 -22.62
C CYS A 325 21.86 -26.87 -22.39
N ALA A 326 22.03 -25.59 -22.04
CA ALA A 326 23.31 -25.02 -21.65
C ALA A 326 24.26 -24.82 -22.82
N THR A 327 23.91 -25.35 -23.99
CA THR A 327 24.60 -25.04 -25.23
C THR A 327 23.87 -24.00 -26.05
N ASP A 328 22.60 -23.76 -25.74
CA ASP A 328 21.80 -22.70 -26.32
C ASP A 328 21.22 -21.86 -25.20
N THR A 329 20.83 -20.62 -25.55
CA THR A 329 20.10 -19.77 -24.64
C THR A 329 18.59 -19.87 -24.84
N LYS A 330 18.10 -21.06 -25.21
CA LYS A 330 16.67 -21.31 -25.19
C LYS A 330 16.15 -21.56 -23.79
N ASN A 331 17.02 -21.61 -22.78
CA ASN A 331 16.56 -21.66 -21.40
C ASN A 331 15.73 -20.43 -21.07
N VAL A 332 16.18 -19.25 -21.50
CA VAL A 332 15.35 -18.07 -21.34
C VAL A 332 14.12 -18.17 -22.23
N GLN A 333 14.22 -18.89 -23.34
CA GLN A 333 13.06 -19.10 -24.19
C GLN A 333 12.02 -19.95 -23.48
N PHE A 334 12.45 -21.01 -22.80
CA PHE A 334 11.51 -21.82 -22.03
C PHE A 334 10.90 -21.01 -20.90
N VAL A 335 11.70 -20.19 -20.24
CA VAL A 335 11.15 -19.31 -19.21
C VAL A 335 10.15 -18.35 -19.82
N PHE A 336 10.49 -17.77 -20.97
CA PHE A 336 9.58 -16.83 -21.61
C PHE A 336 8.30 -17.51 -22.05
N ASP A 337 8.39 -18.73 -22.59
CA ASP A 337 7.21 -19.44 -23.04
C ASP A 337 6.43 -20.06 -21.89
N ALA A 338 7.05 -20.22 -20.73
CA ALA A 338 6.33 -20.71 -19.56
C ALA A 338 5.75 -19.59 -18.73
N VAL A 339 6.24 -18.36 -18.91
CA VAL A 339 5.67 -17.22 -18.21
C VAL A 339 4.51 -16.62 -18.98
N THR A 340 4.59 -16.59 -20.31
CA THR A 340 3.46 -16.16 -21.11
C THR A 340 2.27 -17.11 -20.98
N ASP A 341 2.50 -18.35 -20.56
CA ASP A 341 1.40 -19.25 -20.28
C ASP A 341 0.86 -19.09 -18.87
N VAL A 342 1.69 -18.70 -17.91
CA VAL A 342 1.20 -18.42 -16.57
C VAL A 342 0.40 -17.14 -16.56
N ILE A 343 0.90 -16.11 -17.24
CA ILE A 343 0.21 -14.82 -17.25
C ILE A 343 -1.15 -14.94 -17.91
N ILE A 344 -1.21 -15.61 -19.06
CA ILE A 344 -2.48 -15.79 -19.76
C ILE A 344 -3.46 -16.58 -18.90
N LYS A 345 -3.00 -17.67 -18.30
CA LYS A 345 -3.91 -18.43 -17.45
C LYS A 345 -4.26 -17.69 -16.17
N ASN A 346 -3.51 -16.65 -15.80
CA ASN A 346 -3.96 -15.75 -14.74
C ASN A 346 -4.96 -14.74 -15.27
N ASN A 347 -4.67 -14.15 -16.43
CA ASN A 347 -5.59 -13.21 -17.05
C ASN A 347 -6.95 -13.86 -17.27
N LEU A 348 -6.96 -15.06 -17.83
CA LEU A 348 -8.22 -15.77 -18.02
C LEU A 348 -8.88 -16.08 -16.69
N LYS A 349 -8.09 -16.35 -15.65
CA LYS A 349 -8.65 -16.55 -14.33
C LYS A 349 -9.02 -15.24 -13.66
N ASP A 350 -8.36 -14.14 -14.01
CA ASP A 350 -8.74 -12.84 -13.46
C ASP A 350 -10.10 -12.41 -13.98
N CYS A 351 -10.32 -12.51 -15.29
CA CYS A 351 -11.62 -12.20 -15.87
C CYS A 351 -12.63 -13.33 -15.72
N GLY A 352 -12.28 -14.38 -14.99
CA GLY A 352 -13.23 -15.45 -14.73
C GLY A 352 -13.65 -16.22 -15.96
N LEU A 353 -12.88 -16.15 -17.04
CA LEU A 353 -13.27 -16.83 -18.27
C LEU A 353 -13.03 -18.33 -18.22
N PHE A 354 -12.34 -18.83 -17.20
CA PHE A 354 -12.34 -20.26 -16.93
C PHE A 354 -13.50 -20.61 -16.01
N GLU B 7 30.31 -34.67 31.77
CA GLU B 7 29.21 -34.20 32.61
C GLU B 7 27.90 -34.31 31.86
N LEU B 8 27.59 -35.50 31.37
CA LEU B 8 26.40 -35.71 30.54
C LEU B 8 26.47 -34.74 29.38
N ASP B 9 27.42 -34.96 28.48
CA ASP B 9 27.86 -34.08 27.39
C ASP B 9 28.15 -32.65 27.85
N GLN B 10 28.44 -32.47 29.14
CA GLN B 10 28.94 -31.23 29.72
C GLN B 10 27.88 -30.15 29.89
N LEU B 11 26.59 -30.50 29.95
CA LEU B 11 25.55 -29.52 30.25
C LEU B 11 24.58 -29.93 31.34
N ARG B 12 24.17 -31.21 31.39
CA ARG B 12 23.08 -31.58 32.29
C ARG B 12 23.57 -31.68 33.72
N GLN B 13 24.88 -31.62 33.93
CA GLN B 13 25.44 -31.72 35.27
C GLN B 13 24.86 -30.64 36.19
N GLU B 14 24.78 -29.39 35.70
CA GLU B 14 24.15 -28.31 36.44
C GLU B 14 23.15 -27.55 35.56
N ALA B 15 23.46 -27.33 34.28
CA ALA B 15 22.65 -26.45 33.45
C ALA B 15 21.22 -26.97 33.31
N GLU B 16 21.05 -28.28 33.32
CA GLU B 16 19.70 -28.82 33.22
C GLU B 16 19.01 -28.83 34.58
N GLN B 17 19.79 -28.81 35.66
CA GLN B 17 19.19 -28.68 36.98
C GLN B 17 19.16 -27.22 37.41
N LEU B 18 20.08 -26.41 36.88
CA LEU B 18 20.04 -24.98 37.13
C LEU B 18 18.78 -24.36 36.54
N LYS B 19 18.29 -24.91 35.43
CA LYS B 19 17.01 -24.50 34.88
C LYS B 19 15.84 -25.09 35.65
N ASN B 20 16.11 -25.82 36.73
CA ASN B 20 15.09 -26.21 37.68
C ASN B 20 15.16 -25.42 38.98
N GLN B 21 16.33 -24.91 39.34
CA GLN B 21 16.41 -23.87 40.35
C GLN B 21 15.57 -22.68 39.94
N ILE B 22 15.71 -22.23 38.69
CA ILE B 22 14.89 -21.15 38.17
C ILE B 22 13.42 -21.56 38.15
N ARG B 23 13.12 -22.76 37.64
CA ARG B 23 11.74 -23.19 37.57
C ARG B 23 11.14 -23.44 38.96
N ASP B 24 11.98 -23.55 39.99
CA ASP B 24 11.48 -23.65 41.35
C ASP B 24 11.46 -22.30 42.06
N ALA B 25 12.28 -21.35 41.64
CA ALA B 25 12.21 -20.00 42.19
C ALA B 25 11.01 -19.25 41.64
N ARG B 26 10.69 -19.46 40.36
CA ARG B 26 9.53 -18.80 39.77
C ARG B 26 8.22 -19.38 40.28
N LYS B 27 8.24 -20.55 40.90
CA LYS B 27 7.03 -21.05 41.51
C LYS B 27 6.89 -20.59 42.95
N ALA B 28 8.02 -20.36 43.64
CA ALA B 28 7.94 -19.87 45.01
C ALA B 28 7.35 -18.48 45.08
N CYS B 29 7.63 -17.63 44.08
CA CYS B 29 7.19 -16.26 44.08
C CYS B 29 5.83 -16.05 43.40
N ALA B 30 5.18 -17.13 42.98
CA ALA B 30 3.82 -17.04 42.41
C ALA B 30 2.82 -17.45 43.47
N ASP B 31 2.57 -16.55 44.41
CA ASP B 31 1.59 -16.84 45.45
C ASP B 31 0.16 -16.74 44.93
N ALA B 32 -0.08 -15.78 44.05
CA ALA B 32 -1.39 -15.64 43.42
C ALA B 32 -1.21 -14.97 42.07
N THR B 33 -2.03 -15.39 41.11
CA THR B 33 -1.88 -14.92 39.74
C THR B 33 -2.49 -13.53 39.57
N LEU B 34 -2.18 -12.91 38.43
CA LEU B 34 -2.77 -11.62 38.10
C LEU B 34 -4.28 -11.72 37.95
N SER B 35 -4.78 -12.83 37.43
CA SER B 35 -6.21 -12.95 37.20
C SER B 35 -6.98 -13.30 38.46
N GLN B 36 -6.32 -13.46 39.60
CA GLN B 36 -7.01 -13.60 40.87
C GLN B 36 -7.05 -12.29 41.63
N ILE B 37 -5.90 -11.61 41.77
CA ILE B 37 -5.90 -10.37 42.51
C ILE B 37 -6.56 -9.26 41.71
N THR B 38 -6.40 -9.27 40.39
CA THR B 38 -7.07 -8.30 39.52
C THR B 38 -8.40 -8.87 39.04
N ASN B 39 -9.24 -9.20 40.01
CA ASN B 39 -10.59 -9.68 39.77
C ASN B 39 -11.55 -8.95 40.69
N ASN B 40 -12.81 -8.87 40.25
CA ASN B 40 -13.83 -8.05 40.91
C ASN B 40 -13.53 -6.58 40.72
N ILE B 41 -12.91 -6.24 39.60
CA ILE B 41 -12.79 -4.86 39.15
C ILE B 41 -13.58 -4.74 37.86
N ASP B 42 -14.06 -3.54 37.59
CA ASP B 42 -14.98 -3.33 36.49
C ASP B 42 -14.30 -3.62 35.15
N PRO B 43 -14.96 -4.32 34.24
CA PRO B 43 -14.44 -4.45 32.88
C PRO B 43 -14.37 -3.09 32.19
N VAL B 44 -13.76 -3.08 31.02
CA VAL B 44 -13.63 -1.84 30.26
C VAL B 44 -14.84 -1.59 29.37
N GLY B 45 -15.79 -2.51 29.32
CA GLY B 45 -16.93 -2.37 28.44
C GLY B 45 -16.54 -2.61 27.00
N ARG B 46 -17.52 -2.91 26.15
CA ARG B 46 -17.23 -3.16 24.74
C ARG B 46 -16.65 -1.90 24.11
N ILE B 47 -15.58 -2.08 23.34
CA ILE B 47 -14.85 -0.96 22.77
C ILE B 47 -15.07 -0.89 21.27
N GLN B 48 -15.95 0.02 20.85
CA GLN B 48 -16.20 0.23 19.43
C GLN B 48 -15.25 1.31 18.94
N MET B 49 -14.14 0.91 18.33
CA MET B 49 -13.26 1.83 17.66
C MET B 49 -13.64 1.86 16.18
N ARG B 50 -13.89 3.05 15.66
CA ARG B 50 -14.25 3.22 14.27
C ARG B 50 -13.04 3.68 13.47
N THR B 51 -12.97 3.24 12.22
CA THR B 51 -11.88 3.62 11.34
C THR B 51 -11.98 5.11 11.06
N ARG B 52 -11.12 5.90 11.70
CA ARG B 52 -11.16 7.34 11.51
C ARG B 52 -10.45 7.77 10.23
N ARG B 53 -9.44 7.04 9.78
CA ARG B 53 -8.70 7.35 8.57
C ARG B 53 -8.47 6.07 7.77
N THR B 54 -8.03 6.24 6.52
CA THR B 54 -7.64 5.12 5.69
C THR B 54 -6.53 5.63 4.77
N LEU B 55 -5.28 5.33 5.12
CA LEU B 55 -4.12 5.87 4.42
C LEU B 55 -3.86 5.02 3.19
N ARG B 56 -4.25 5.53 2.04
CA ARG B 56 -4.18 4.84 0.76
C ARG B 56 -2.99 5.34 -0.04
N GLY B 57 -2.37 4.44 -0.80
CA GLY B 57 -1.24 4.84 -1.60
C GLY B 57 -0.14 3.82 -1.74
N HIS B 58 -0.02 2.91 -0.78
CA HIS B 58 0.83 1.74 -1.00
C HIS B 58 0.18 0.81 -2.00
N LEU B 59 1.00 0.20 -2.85
CA LEU B 59 0.52 -0.72 -3.86
C LEU B 59 0.83 -2.17 -3.55
N ALA B 60 1.77 -2.43 -2.68
CA ALA B 60 2.10 -3.78 -2.26
C ALA B 60 1.69 -3.96 -0.81
N LYS B 61 2.04 -5.08 -0.23
CA LYS B 61 1.72 -5.34 1.16
C LYS B 61 2.52 -4.42 2.07
N ILE B 62 1.89 -3.93 3.12
CA ILE B 62 2.54 -3.11 4.14
C ILE B 62 3.03 -4.04 5.24
N TYR B 63 4.35 -4.15 5.40
CA TYR B 63 4.85 -5.03 6.44
C TYR B 63 5.21 -4.33 7.73
N ALA B 64 5.45 -3.03 7.71
CA ALA B 64 5.89 -2.35 8.91
C ALA B 64 5.30 -0.95 8.95
N MET B 65 5.18 -0.44 10.18
CA MET B 65 4.57 0.84 10.46
C MET B 65 5.12 1.31 11.79
N HIS B 66 5.29 2.62 11.94
CA HIS B 66 5.78 3.14 13.20
C HIS B 66 5.45 4.62 13.29
N TRP B 67 4.86 5.04 14.42
CA TRP B 67 4.48 6.42 14.64
C TRP B 67 5.68 7.29 14.98
N GLY B 68 5.57 8.57 14.67
CA GLY B 68 6.47 9.54 15.22
C GLY B 68 6.03 9.96 16.60
N THR B 69 6.99 10.47 17.39
CA THR B 69 6.68 10.82 18.76
C THR B 69 5.72 12.01 18.86
N ASP B 70 5.57 12.80 17.80
CA ASP B 70 4.57 13.86 17.81
C ASP B 70 3.15 13.32 17.71
N SER B 71 2.97 12.02 17.52
CA SER B 71 1.69 11.35 17.46
C SER B 71 0.87 11.76 16.24
N ARG B 72 1.49 12.40 15.26
CA ARG B 72 0.80 12.82 14.06
C ARG B 72 1.35 12.15 12.81
N LEU B 73 2.66 12.17 12.62
CA LEU B 73 3.29 11.56 11.47
C LEU B 73 3.58 10.10 11.75
N LEU B 74 3.54 9.29 10.70
CA LEU B 74 3.90 7.89 10.81
C LEU B 74 4.51 7.45 9.49
N VAL B 75 5.58 6.68 9.57
CA VAL B 75 6.18 6.07 8.41
C VAL B 75 5.54 4.70 8.23
N SER B 76 5.59 4.20 7.00
CA SER B 76 5.14 2.83 6.74
C SER B 76 5.95 2.27 5.59
N ALA B 77 6.27 0.99 5.67
CA ALA B 77 7.09 0.33 4.67
C ALA B 77 6.30 -0.78 4.01
N SER B 78 6.20 -0.73 2.68
CA SER B 78 5.53 -1.77 1.93
C SER B 78 6.53 -2.50 1.05
N GLN B 79 6.11 -3.64 0.51
CA GLN B 79 7.03 -4.49 -0.25
C GLN B 79 7.37 -3.94 -1.62
N ASP B 80 6.60 -3.00 -2.15
CA ASP B 80 7.16 -2.17 -3.21
C ASP B 80 8.20 -1.26 -2.59
N GLY B 81 9.22 -0.92 -3.37
CA GLY B 81 10.34 -0.20 -2.78
C GLY B 81 10.03 1.22 -2.37
N LYS B 82 9.02 1.39 -1.52
CA LYS B 82 8.56 2.71 -1.11
C LYS B 82 8.37 2.74 0.39
N LEU B 83 8.74 3.87 0.97
CA LEU B 83 8.59 4.13 2.40
C LEU B 83 7.85 5.46 2.45
N ILE B 84 6.61 5.45 2.92
CA ILE B 84 5.79 6.65 2.91
C ILE B 84 5.74 7.22 4.31
N ILE B 85 5.93 8.52 4.43
CA ILE B 85 5.76 9.23 5.68
C ILE B 85 4.42 9.95 5.60
N TRP B 86 3.46 9.54 6.40
CA TRP B 86 2.10 10.03 6.30
C TRP B 86 1.87 11.15 7.28
N ASP B 87 0.93 12.02 6.95
CA ASP B 87 0.31 12.91 7.92
C ASP B 87 -1.01 12.27 8.29
N SER B 88 -1.16 11.89 9.55
CA SER B 88 -2.34 11.13 9.92
C SER B 88 -3.55 12.00 10.15
N TYR B 89 -3.38 13.27 10.53
CA TYR B 89 -4.55 14.12 10.75
C TYR B 89 -5.21 14.44 9.42
N THR B 90 -4.45 15.00 8.51
CA THR B 90 -4.87 15.18 7.13
C THR B 90 -4.09 14.18 6.32
N THR B 91 -4.77 13.22 5.71
CA THR B 91 -4.05 12.04 5.24
C THR B 91 -3.17 12.33 4.04
N ASN B 92 -2.24 13.26 4.21
CA ASN B 92 -1.32 13.65 3.15
C ASN B 92 -0.08 12.80 3.24
N LYS B 93 0.68 12.82 2.17
CA LYS B 93 1.95 12.12 2.10
C LYS B 93 3.05 13.17 2.19
N VAL B 94 3.76 13.19 3.31
CA VAL B 94 4.84 14.15 3.47
C VAL B 94 6.02 13.75 2.60
N HIS B 95 6.41 12.48 2.67
CA HIS B 95 7.53 11.96 1.90
C HIS B 95 7.15 10.59 1.35
N ALA B 96 7.72 10.26 0.20
CA ALA B 96 7.67 8.91 -0.35
C ALA B 96 9.09 8.56 -0.73
N ILE B 97 9.69 7.60 -0.02
CA ILE B 97 11.12 7.38 -0.05
C ILE B 97 11.39 6.11 -0.85
N PRO B 98 12.02 6.20 -2.02
CA PRO B 98 12.32 4.99 -2.79
C PRO B 98 13.48 4.22 -2.16
N LEU B 99 13.29 2.92 -2.03
CA LEU B 99 14.25 2.05 -1.36
C LEU B 99 15.09 1.31 -2.39
N ARG B 100 16.38 1.13 -2.09
CA ARG B 100 17.22 0.35 -2.98
C ARG B 100 16.77 -1.10 -3.00
N SER B 101 16.49 -1.67 -1.84
CA SER B 101 15.97 -3.02 -1.72
C SER B 101 14.47 -2.94 -1.46
N SER B 102 13.70 -3.70 -2.23
CA SER B 102 12.26 -3.67 -2.09
C SER B 102 11.76 -4.58 -0.98
N TRP B 103 12.61 -5.37 -0.37
CA TRP B 103 12.15 -6.45 0.51
C TRP B 103 12.23 -5.98 1.97
N VAL B 104 11.46 -4.95 2.25
CA VAL B 104 11.44 -4.34 3.57
C VAL B 104 10.55 -5.15 4.49
N MET B 105 11.03 -5.40 5.70
CA MET B 105 10.28 -6.12 6.70
C MET B 105 10.10 -5.31 7.98
N THR B 106 10.69 -4.13 8.06
CA THR B 106 10.60 -3.33 9.28
C THR B 106 10.99 -1.89 8.95
N CYS B 107 10.40 -0.96 9.69
CA CYS B 107 10.76 0.44 9.61
C CYS B 107 10.60 1.06 10.98
N ALA B 108 11.28 2.18 11.19
CA ALA B 108 11.25 2.86 12.47
C ALA B 108 11.47 4.34 12.26
N TYR B 109 10.81 5.14 13.08
CA TYR B 109 10.86 6.59 13.03
C TYR B 109 11.68 7.05 14.22
N ALA B 110 12.61 7.96 14.00
CA ALA B 110 13.45 8.41 15.09
C ALA B 110 12.62 9.19 16.12
N PRO B 111 12.99 9.13 17.40
CA PRO B 111 12.25 9.90 18.40
C PRO B 111 12.37 11.40 18.20
N SER B 112 13.41 11.87 17.51
CA SER B 112 13.54 13.27 17.18
C SER B 112 12.81 13.66 15.91
N GLY B 113 12.25 12.68 15.19
CA GLY B 113 11.59 12.95 13.94
C GLY B 113 12.49 13.30 12.79
N ASN B 114 13.81 13.31 12.99
CA ASN B 114 14.72 13.70 11.93
C ASN B 114 15.12 12.55 11.04
N TYR B 115 14.98 11.33 11.50
CA TYR B 115 15.48 10.17 10.78
C TYR B 115 14.40 9.12 10.71
N VAL B 116 14.58 8.21 9.76
CA VAL B 116 13.76 7.01 9.64
C VAL B 116 14.70 5.90 9.20
N ALA B 117 14.41 4.69 9.66
CA ALA B 117 15.23 3.54 9.34
C ALA B 117 14.41 2.52 8.58
N CYS B 118 15.10 1.58 7.96
CA CYS B 118 14.42 0.64 7.08
C CYS B 118 15.32 -0.55 6.83
N GLY B 119 14.75 -1.73 6.79
CA GLY B 119 15.54 -2.92 6.52
C GLY B 119 14.65 -4.10 6.25
N GLY B 120 15.27 -5.18 5.80
CA GLY B 120 14.52 -6.37 5.43
C GLY B 120 15.40 -7.50 4.96
N LEU B 121 15.03 -8.12 3.83
CA LEU B 121 15.78 -9.25 3.32
C LEU B 121 17.14 -8.87 2.77
N ASP B 122 17.41 -7.58 2.55
CA ASP B 122 18.71 -7.15 2.06
C ASP B 122 19.79 -7.24 3.11
N ASN B 123 19.45 -7.52 4.36
CA ASN B 123 20.39 -7.65 5.48
C ASN B 123 21.00 -6.31 5.88
N ILE B 124 20.32 -5.21 5.60
CA ILE B 124 20.86 -3.88 5.88
C ILE B 124 19.77 -3.05 6.52
N CYS B 125 20.16 -2.19 7.46
CA CYS B 125 19.28 -1.18 8.04
C CYS B 125 19.73 0.16 7.47
N SER B 126 18.94 0.71 6.56
CA SER B 126 19.22 2.02 5.98
C SER B 126 18.64 3.09 6.88
N ILE B 127 19.43 4.15 7.13
CA ILE B 127 18.99 5.31 7.89
C ILE B 127 18.81 6.45 6.90
N TYR B 128 17.62 7.03 6.88
CA TYR B 128 17.28 8.10 5.95
C TYR B 128 17.19 9.41 6.69
N ASN B 129 17.82 10.44 6.16
CA ASN B 129 17.77 11.77 6.74
C ASN B 129 16.57 12.50 6.17
N LEU B 130 15.68 12.95 7.05
CA LEU B 130 14.45 13.60 6.57
C LEU B 130 14.60 15.11 6.49
N LYS B 131 15.33 15.71 7.42
CA LYS B 131 15.53 17.16 7.44
C LYS B 131 16.85 17.51 6.75
N THR B 132 16.88 17.22 5.45
CA THR B 132 18.01 17.61 4.61
C THR B 132 17.80 19.05 4.14
N ARG B 133 18.91 19.71 3.81
CA ARG B 133 18.83 21.06 3.26
C ARG B 133 18.47 21.06 1.78
N GLU B 134 18.70 19.94 1.07
CA GLU B 134 18.37 19.83 -0.33
C GLU B 134 16.88 19.68 -0.58
N GLY B 135 16.12 19.27 0.42
CA GLY B 135 14.68 19.14 0.27
C GLY B 135 14.18 17.75 -0.03
N ASN B 136 15.07 16.82 -0.35
CA ASN B 136 14.70 15.43 -0.54
C ASN B 136 15.24 14.58 0.61
N VAL B 137 14.94 13.29 0.56
CA VAL B 137 15.36 12.37 1.61
C VAL B 137 16.53 11.54 1.08
N ARG B 138 17.68 11.69 1.69
CA ARG B 138 18.89 10.95 1.32
C ARG B 138 19.09 9.77 2.26
N VAL B 139 19.85 8.79 1.78
CA VAL B 139 20.22 7.65 2.61
C VAL B 139 21.42 8.04 3.45
N SER B 140 21.17 8.47 4.68
CA SER B 140 22.24 8.97 5.53
C SER B 140 23.24 7.88 5.91
N ARG B 141 22.85 6.61 5.84
CA ARG B 141 23.71 5.55 6.31
C ARG B 141 23.12 4.21 5.91
N GLU B 142 23.98 3.25 5.67
CA GLU B 142 23.57 1.86 5.46
C GLU B 142 24.34 1.01 6.45
N LEU B 143 23.62 0.42 7.40
CA LEU B 143 24.23 -0.32 8.50
C LEU B 143 24.22 -1.79 8.13
N ALA B 144 25.34 -2.30 7.65
CA ALA B 144 25.47 -3.69 7.25
C ALA B 144 26.30 -4.44 8.27
N GLY B 145 26.12 -5.75 8.31
CA GLY B 145 26.81 -6.57 9.28
C GLY B 145 26.00 -7.73 9.81
N HIS B 146 24.68 -7.61 9.81
CA HIS B 146 23.87 -8.79 10.07
C HIS B 146 23.99 -9.77 8.93
N THR B 147 23.90 -11.06 9.27
CA THR B 147 23.95 -12.12 8.27
C THR B 147 22.58 -12.68 7.94
N GLY B 148 21.52 -12.16 8.57
CA GLY B 148 20.17 -12.54 8.26
C GLY B 148 19.33 -11.29 8.06
N TYR B 149 18.11 -11.50 7.58
CA TYR B 149 17.20 -10.38 7.31
C TYR B 149 16.99 -9.59 8.59
N LEU B 150 16.90 -8.27 8.46
CA LEU B 150 16.53 -7.44 9.60
C LEU B 150 15.03 -7.52 9.80
N SER B 151 14.63 -7.93 10.99
CA SER B 151 13.23 -8.12 11.30
C SER B 151 12.64 -6.99 12.12
N CYS B 152 13.46 -6.14 12.71
CA CYS B 152 12.96 -5.05 13.51
C CYS B 152 14.10 -4.11 13.85
N CYS B 153 13.85 -2.80 13.73
CA CYS B 153 14.81 -1.80 14.13
C CYS B 153 14.10 -0.77 14.99
N ARG B 154 14.86 -0.12 15.86
CA ARG B 154 14.30 0.86 16.79
C ARG B 154 15.38 1.85 17.18
N PHE B 155 15.08 3.13 16.99
CA PHE B 155 16.01 4.16 17.40
C PHE B 155 16.03 4.31 18.91
N LEU B 156 17.23 4.49 19.45
CA LEU B 156 17.39 5.01 20.79
C LEU B 156 17.47 6.53 20.77
N ASP B 157 18.20 7.08 19.82
CA ASP B 157 18.27 8.51 19.55
C ASP B 157 18.74 8.69 18.12
N ASP B 158 19.17 9.90 17.77
CA ASP B 158 19.61 10.11 16.40
C ASP B 158 20.92 9.42 16.07
N ASN B 159 21.61 8.83 17.05
CA ASN B 159 22.89 8.20 16.80
C ASN B 159 22.99 6.78 17.35
N GLN B 160 21.90 6.20 17.86
CA GLN B 160 21.88 4.83 18.32
C GLN B 160 20.59 4.15 17.87
N ILE B 161 20.75 3.01 17.22
CA ILE B 161 19.63 2.21 16.75
C ILE B 161 19.92 0.76 17.08
N VAL B 162 18.96 0.07 17.70
CA VAL B 162 19.09 -1.35 17.95
C VAL B 162 18.31 -2.12 16.90
N THR B 163 19.01 -2.90 16.09
CA THR B 163 18.37 -3.78 15.12
C THR B 163 18.29 -5.18 15.70
N SER B 164 17.55 -6.03 15.02
CA SER B 164 17.45 -7.44 15.34
C SER B 164 17.29 -8.21 14.04
N SER B 165 17.87 -9.40 13.99
CA SER B 165 18.04 -10.05 12.70
C SER B 165 17.63 -11.51 12.75
N GLY B 166 17.39 -12.06 11.58
CA GLY B 166 17.15 -13.48 11.43
C GLY B 166 18.34 -14.37 11.65
N ASP B 167 19.50 -13.80 11.97
CA ASP B 167 20.67 -14.58 12.32
C ASP B 167 20.77 -14.84 13.82
N THR B 168 19.65 -14.76 14.54
CA THR B 168 19.60 -15.05 15.96
C THR B 168 20.36 -14.01 16.78
N THR B 169 20.40 -12.77 16.33
CA THR B 169 21.26 -11.77 16.93
C THR B 169 20.62 -10.40 16.85
N CYS B 170 20.65 -9.67 17.96
CA CYS B 170 20.35 -8.25 17.98
C CYS B 170 21.65 -7.49 18.10
N ALA B 171 21.67 -6.25 17.63
CA ALA B 171 22.89 -5.48 17.65
C ALA B 171 22.59 -4.00 17.80
N LEU B 172 23.23 -3.37 18.78
CA LEU B 172 23.21 -1.93 18.89
C LEU B 172 24.17 -1.35 17.86
N TRP B 173 23.87 -0.13 17.41
CA TRP B 173 24.61 0.50 16.34
C TRP B 173 24.93 1.93 16.69
N ASP B 174 26.05 2.40 16.18
CA ASP B 174 26.40 3.81 16.17
C ASP B 174 26.20 4.32 14.76
N ILE B 175 25.28 5.25 14.59
CA ILE B 175 24.84 5.63 13.24
C ILE B 175 25.82 6.58 12.56
N GLU B 176 26.54 7.41 13.32
CA GLU B 176 27.54 8.28 12.70
C GLU B 176 28.60 7.46 11.98
N THR B 177 29.20 6.51 12.69
CA THR B 177 29.98 5.46 12.07
C THR B 177 29.00 4.42 11.52
N GLY B 178 29.49 3.28 11.10
CA GLY B 178 28.58 2.25 10.63
C GLY B 178 28.77 0.97 11.39
N GLN B 179 29.23 1.09 12.62
CA GLN B 179 29.74 -0.05 13.37
C GLN B 179 28.84 -0.35 14.55
N GLN B 180 28.57 -1.63 14.76
CA GLN B 180 27.73 -2.08 15.85
C GLN B 180 28.56 -2.19 17.12
N THR B 181 28.27 -1.34 18.10
CA THR B 181 29.09 -1.25 19.29
C THR B 181 28.80 -2.33 20.30
N THR B 182 27.62 -2.94 20.26
CA THR B 182 27.31 -4.07 21.10
C THR B 182 26.65 -5.13 20.22
N THR B 183 26.72 -6.38 20.65
CA THR B 183 26.06 -7.47 19.96
C THR B 183 25.45 -8.41 20.97
N PHE B 184 24.17 -8.71 20.80
CA PHE B 184 23.38 -9.45 21.78
C PHE B 184 23.13 -10.83 21.20
N THR B 185 23.73 -11.85 21.78
CA THR B 185 23.83 -13.16 21.15
C THR B 185 23.31 -14.27 22.05
N GLY B 186 22.09 -14.12 22.56
CA GLY B 186 21.53 -15.14 23.40
C GLY B 186 20.61 -16.13 22.70
N HIS B 187 19.92 -15.69 21.67
CA HIS B 187 18.85 -16.49 21.07
C HIS B 187 19.40 -17.66 20.27
N THR B 188 18.63 -18.74 20.25
CA THR B 188 18.90 -19.92 19.43
C THR B 188 17.95 -20.01 18.25
N GLY B 189 17.30 -18.92 17.87
CA GLY B 189 16.40 -18.87 16.75
C GLY B 189 16.37 -17.47 16.19
N ASP B 190 15.58 -17.28 15.15
CA ASP B 190 15.52 -15.98 14.50
C ASP B 190 14.91 -14.96 15.45
N VAL B 191 15.59 -13.84 15.63
CA VAL B 191 15.00 -12.74 16.40
C VAL B 191 13.99 -12.04 15.50
N MET B 192 12.74 -12.04 15.92
CA MET B 192 11.66 -11.57 15.06
C MET B 192 11.16 -10.18 15.43
N SER B 193 11.49 -9.69 16.61
CA SER B 193 10.95 -8.42 17.07
C SER B 193 11.65 -8.01 18.35
N LEU B 194 11.91 -6.72 18.48
CA LEU B 194 12.46 -6.18 19.71
C LEU B 194 11.58 -5.02 20.14
N SER B 195 11.84 -4.53 21.35
CA SER B 195 11.02 -3.47 21.92
C SER B 195 11.81 -2.76 22.99
N LEU B 196 11.98 -1.45 22.83
CA LEU B 196 12.73 -0.67 23.80
C LEU B 196 11.86 -0.36 25.00
N ALA B 197 12.44 -0.46 26.18
CA ALA B 197 11.75 0.00 27.37
C ALA B 197 11.57 1.52 27.26
N PRO B 198 10.59 2.07 27.98
CA PRO B 198 10.36 3.51 27.90
C PRO B 198 11.54 4.37 28.33
N ASP B 199 12.49 3.81 29.07
CA ASP B 199 13.70 4.53 29.46
C ASP B 199 14.85 4.34 28.48
N THR B 200 14.75 3.40 27.54
CA THR B 200 15.80 3.10 26.57
C THR B 200 17.08 2.63 27.24
N ARG B 201 16.95 1.97 28.39
CA ARG B 201 18.09 1.28 28.98
C ARG B 201 17.92 -0.23 28.97
N LEU B 202 16.73 -0.72 28.64
CA LEU B 202 16.47 -2.14 28.51
C LEU B 202 15.58 -2.35 27.30
N PHE B 203 15.78 -3.49 26.63
CA PHE B 203 14.87 -3.84 25.55
C PHE B 203 14.70 -5.35 25.53
N VAL B 204 13.51 -5.79 25.20
CA VAL B 204 13.21 -7.21 25.09
C VAL B 204 13.17 -7.58 23.62
N SER B 205 13.49 -8.84 23.33
CA SER B 205 13.46 -9.35 21.98
C SER B 205 12.82 -10.73 22.00
N GLY B 206 12.07 -11.04 20.97
CA GLY B 206 11.39 -12.34 20.87
C GLY B 206 11.85 -13.07 19.63
N ALA B 207 12.07 -14.38 19.77
CA ALA B 207 12.65 -15.16 18.71
C ALA B 207 11.76 -16.35 18.38
N CYS B 208 12.11 -17.03 17.29
CA CYS B 208 11.37 -18.21 16.85
C CYS B 208 11.63 -19.42 17.72
N ASP B 209 12.53 -19.33 18.70
CA ASP B 209 12.73 -20.39 19.67
C ASP B 209 11.80 -20.26 20.86
N ALA B 210 10.73 -19.48 20.73
CA ALA B 210 9.66 -19.38 21.71
C ALA B 210 10.12 -18.74 23.01
N SER B 211 11.21 -18.00 22.99
CA SER B 211 11.71 -17.34 24.19
C SER B 211 11.87 -15.86 23.93
N ALA B 212 11.64 -15.06 24.96
CA ALA B 212 11.91 -13.64 24.92
C ALA B 212 12.99 -13.34 25.94
N LYS B 213 13.95 -12.50 25.56
CA LYS B 213 15.09 -12.20 26.41
C LYS B 213 15.15 -10.71 26.69
N LEU B 214 15.33 -10.37 27.96
CA LEU B 214 15.52 -8.99 28.37
C LEU B 214 17.00 -8.64 28.26
N TRP B 215 17.29 -7.53 27.60
CA TRP B 215 18.66 -7.13 27.37
C TRP B 215 18.96 -5.86 28.14
N ASP B 216 20.24 -5.61 28.33
CA ASP B 216 20.72 -4.35 28.89
C ASP B 216 21.55 -3.67 27.82
N VAL B 217 21.17 -2.46 27.43
CA VAL B 217 21.77 -1.82 26.27
C VAL B 217 23.22 -1.46 26.55
N ARG B 218 23.54 -1.16 27.80
CA ARG B 218 24.92 -0.82 28.14
C ARG B 218 25.76 -2.07 28.37
N GLU B 219 25.33 -2.92 29.31
CA GLU B 219 26.10 -4.11 29.62
C GLU B 219 26.16 -5.07 28.44
N GLY B 220 25.14 -5.07 27.59
CA GLY B 220 25.08 -6.01 26.49
C GLY B 220 24.75 -7.41 26.90
N MET B 221 24.28 -7.62 28.12
CA MET B 221 24.11 -8.93 28.72
C MET B 221 22.64 -9.30 28.74
N CYS B 222 22.33 -10.55 28.37
CA CYS B 222 20.98 -11.05 28.52
C CYS B 222 20.66 -11.14 30.00
N ARG B 223 19.82 -10.23 30.48
CA ARG B 223 19.58 -10.14 31.92
C ARG B 223 18.53 -11.13 32.39
N GLN B 224 17.57 -11.49 31.53
CA GLN B 224 16.51 -12.42 31.90
C GLN B 224 16.04 -13.13 30.64
N THR B 225 15.33 -14.25 30.85
CA THR B 225 14.83 -15.07 29.75
C THR B 225 13.46 -15.60 30.10
N PHE B 226 12.51 -15.48 29.18
CA PHE B 226 11.13 -15.84 29.41
C PHE B 226 10.71 -16.86 28.37
N THR B 227 10.01 -17.91 28.80
CA THR B 227 9.54 -18.96 27.91
C THR B 227 8.19 -19.44 28.41
N GLY B 228 7.14 -19.14 27.67
CA GLY B 228 5.85 -19.75 27.95
C GLY B 228 5.19 -20.32 26.73
N HIS B 229 5.63 -19.87 25.56
CA HIS B 229 4.94 -20.17 24.31
C HIS B 229 5.31 -21.55 23.80
N GLU B 230 4.52 -22.03 22.84
CA GLU B 230 4.82 -23.25 22.13
C GLU B 230 5.32 -22.98 20.71
N SER B 231 5.41 -21.73 20.29
CA SER B 231 5.83 -21.45 18.93
C SER B 231 6.52 -20.09 18.88
N ASP B 232 6.68 -19.58 17.67
CA ASP B 232 7.52 -18.41 17.43
C ASP B 232 6.89 -17.16 17.99
N ILE B 233 7.70 -16.28 18.57
CA ILE B 233 7.22 -14.99 19.07
C ILE B 233 7.36 -13.97 17.95
N ASN B 234 6.24 -13.61 17.33
CA ASN B 234 6.27 -12.65 16.24
C ASN B 234 6.33 -11.21 16.73
N ALA B 235 5.74 -10.92 17.88
CA ALA B 235 5.59 -9.56 18.32
C ALA B 235 5.87 -9.46 19.80
N ILE B 236 6.38 -8.31 20.22
CA ILE B 236 6.67 -8.05 21.62
C ILE B 236 6.60 -6.56 21.86
N CYS B 237 5.97 -6.17 22.98
CA CYS B 237 5.81 -4.77 23.31
C CYS B 237 5.88 -4.59 24.81
N PHE B 238 6.64 -3.60 25.27
CA PHE B 238 6.66 -3.26 26.68
C PHE B 238 5.35 -2.67 27.15
N PHE B 239 4.94 -3.09 28.35
CA PHE B 239 3.95 -2.36 29.10
C PHE B 239 4.45 -0.94 29.31
N PRO B 240 3.57 0.06 29.29
CA PRO B 240 4.04 1.45 29.39
C PRO B 240 4.80 1.75 30.67
N ASN B 241 4.60 0.97 31.72
CA ASN B 241 5.37 1.12 32.94
C ASN B 241 6.84 0.85 32.70
N GLY B 242 7.16 -0.06 31.79
CA GLY B 242 8.50 -0.58 31.67
C GLY B 242 8.78 -1.78 32.55
N ASN B 243 7.78 -2.27 33.28
CA ASN B 243 7.94 -3.39 34.20
C ASN B 243 7.08 -4.58 33.82
N ALA B 244 6.81 -4.74 32.53
CA ALA B 244 6.15 -5.92 32.00
C ALA B 244 6.08 -5.75 30.49
N PHE B 245 5.93 -6.85 29.79
CA PHE B 245 5.74 -6.78 28.36
C PHE B 245 4.81 -7.89 27.92
N ALA B 246 4.26 -7.73 26.73
CA ALA B 246 3.35 -8.69 26.13
C ALA B 246 3.99 -9.21 24.85
N THR B 247 3.81 -10.50 24.62
CA THR B 247 4.42 -11.18 23.48
C THR B 247 3.34 -11.99 22.77
N GLY B 248 3.22 -11.81 21.46
CA GLY B 248 2.29 -12.58 20.67
C GLY B 248 3.04 -13.53 19.74
N SER B 249 2.52 -14.75 19.64
CA SER B 249 3.25 -15.82 18.98
C SER B 249 2.41 -16.47 17.88
N ASP B 250 3.03 -17.40 17.17
CA ASP B 250 2.35 -18.18 16.15
C ASP B 250 1.23 -19.06 16.70
N ASP B 251 1.27 -19.40 17.99
CA ASP B 251 0.27 -20.28 18.57
C ASP B 251 -0.99 -19.55 19.00
N ALA B 252 -1.21 -18.34 18.50
CA ALA B 252 -2.44 -17.60 18.70
C ALA B 252 -2.63 -17.10 20.12
N THR B 253 -1.55 -16.98 20.89
CA THR B 253 -1.66 -16.58 22.29
C THR B 253 -0.75 -15.40 22.57
N CYS B 254 -1.30 -14.38 23.21
CA CYS B 254 -0.50 -13.34 23.82
C CYS B 254 -0.25 -13.72 25.27
N ARG B 255 0.82 -13.20 25.83
CA ARG B 255 1.16 -13.46 27.22
C ARG B 255 1.77 -12.19 27.80
N LEU B 256 1.43 -11.91 29.06
CA LEU B 256 1.99 -10.77 29.77
C LEU B 256 3.06 -11.31 30.71
N PHE B 257 4.30 -10.93 30.47
CA PHE B 257 5.42 -11.34 31.30
C PHE B 257 5.83 -10.20 32.21
N ASP B 258 6.34 -10.55 33.39
CA ASP B 258 6.61 -9.58 34.45
C ASP B 258 8.11 -9.51 34.69
N LEU B 259 8.69 -8.33 34.51
CA LEU B 259 10.14 -8.23 34.58
C LEU B 259 10.68 -8.39 35.99
N ARG B 260 10.00 -7.85 37.00
CA ARG B 260 10.49 -8.00 38.36
C ARG B 260 10.12 -9.33 38.98
N ALA B 261 8.92 -9.84 38.69
CA ALA B 261 8.56 -11.19 39.09
C ALA B 261 9.22 -12.24 38.22
N ASP B 262 9.70 -11.87 37.04
CA ASP B 262 10.49 -12.73 36.16
C ASP B 262 9.72 -13.95 35.68
N GLN B 263 8.41 -13.83 35.47
CA GLN B 263 7.65 -14.94 34.92
C GLN B 263 6.41 -14.42 34.24
N GLU B 264 5.60 -15.34 33.74
CA GLU B 264 4.40 -15.02 32.98
C GLU B 264 3.26 -14.67 33.92
N LEU B 265 2.64 -13.52 33.69
CA LEU B 265 1.52 -13.11 34.53
C LEU B 265 0.18 -13.58 34.00
N MET B 266 -0.07 -13.45 32.71
CA MET B 266 -1.34 -13.90 32.15
C MET B 266 -1.15 -14.44 30.74
N THR B 267 -2.25 -14.95 30.19
CA THR B 267 -2.30 -15.51 28.86
C THR B 267 -3.60 -15.08 28.19
N TYR B 268 -3.49 -14.55 26.99
CA TYR B 268 -4.63 -13.98 26.27
C TYR B 268 -4.92 -14.90 25.10
N SER B 269 -5.87 -15.81 25.28
CA SER B 269 -6.22 -16.75 24.24
C SER B 269 -7.73 -16.83 24.14
N HIS B 270 -8.19 -17.40 23.03
CA HIS B 270 -9.60 -17.60 22.79
C HIS B 270 -9.75 -18.74 21.79
N ASP B 271 -10.77 -19.58 22.00
CA ASP B 271 -10.82 -20.84 21.27
C ASP B 271 -11.19 -20.64 19.81
N ASN B 272 -12.01 -19.63 19.50
CA ASN B 272 -12.26 -19.31 18.10
C ASN B 272 -10.99 -18.88 17.35
N ILE B 273 -9.95 -18.49 18.08
CA ILE B 273 -8.71 -17.99 17.49
C ILE B 273 -7.75 -19.14 17.36
N ILE B 274 -7.18 -19.32 16.16
CA ILE B 274 -6.19 -20.37 15.95
C ILE B 274 -4.97 -19.81 15.21
N CYS B 275 -5.02 -18.55 14.82
CA CYS B 275 -4.03 -17.97 13.94
C CYS B 275 -2.93 -17.27 14.73
N GLY B 276 -1.75 -17.18 14.12
CA GLY B 276 -0.66 -16.48 14.75
C GLY B 276 -0.95 -15.02 14.97
N ILE B 277 -0.13 -14.40 15.80
CA ILE B 277 -0.24 -13.00 16.15
C ILE B 277 0.91 -12.26 15.46
N THR B 278 0.57 -11.30 14.59
CA THR B 278 1.59 -10.62 13.81
C THR B 278 2.20 -9.44 14.56
N SER B 279 1.42 -8.75 15.37
CA SER B 279 1.89 -7.60 16.09
C SER B 279 1.10 -7.50 17.39
N VAL B 280 1.61 -6.69 18.31
CA VAL B 280 0.96 -6.50 19.60
C VAL B 280 1.35 -5.12 20.09
N SER B 281 0.51 -4.55 20.95
CA SER B 281 0.81 -3.22 21.46
C SER B 281 -0.16 -2.87 22.57
N PHE B 282 0.32 -2.08 23.53
CA PHE B 282 -0.48 -1.57 24.62
C PHE B 282 -0.98 -0.18 24.29
N SER B 283 -2.10 0.18 24.89
CA SER B 283 -2.53 1.56 24.87
C SER B 283 -1.86 2.31 26.01
N LYS B 284 -1.89 3.64 25.93
CA LYS B 284 -1.39 4.44 27.04
C LYS B 284 -2.16 4.09 28.29
N SER B 285 -1.45 3.97 29.41
CA SER B 285 -1.90 3.40 30.68
C SER B 285 -1.94 1.88 30.63
N GLY B 286 -1.73 1.26 29.48
CA GLY B 286 -1.53 -0.18 29.41
C GLY B 286 -2.69 -1.02 29.87
N ARG B 287 -3.91 -0.50 29.80
CA ARG B 287 -5.06 -1.30 30.20
C ARG B 287 -5.56 -2.18 29.07
N LEU B 288 -5.40 -1.73 27.83
CA LEU B 288 -5.80 -2.50 26.66
C LEU B 288 -4.58 -3.07 25.98
N LEU B 289 -4.64 -4.35 25.65
CA LEU B 289 -3.63 -5.01 24.84
C LEU B 289 -4.23 -5.24 23.46
N LEU B 290 -3.74 -4.50 22.48
CA LEU B 290 -4.16 -4.69 21.10
C LEU B 290 -3.27 -5.75 20.47
N ALA B 291 -3.87 -6.61 19.65
CA ALA B 291 -3.12 -7.68 19.01
C ALA B 291 -3.58 -7.80 17.58
N GLY B 292 -2.63 -7.80 16.65
CA GLY B 292 -2.96 -7.94 15.25
C GLY B 292 -2.86 -9.38 14.80
N TYR B 293 -4.01 -10.00 14.53
CA TYR B 293 -3.99 -11.44 14.29
C TYR B 293 -3.81 -11.76 12.81
N ASP B 294 -3.48 -13.01 12.56
CA ASP B 294 -3.36 -13.54 11.21
C ASP B 294 -4.72 -13.61 10.51
N ASP B 295 -5.80 -13.80 11.27
CA ASP B 295 -7.12 -13.94 10.65
C ASP B 295 -7.80 -12.60 10.45
N PHE B 296 -7.06 -11.66 9.87
CA PHE B 296 -7.54 -10.39 9.36
C PHE B 296 -7.98 -9.41 10.45
N ASN B 297 -7.99 -9.81 11.71
CA ASN B 297 -8.59 -9.02 12.76
C ASN B 297 -7.54 -8.33 13.61
N CYS B 298 -8.01 -7.59 14.61
CA CYS B 298 -7.16 -6.95 15.61
C CYS B 298 -7.97 -6.92 16.90
N ASN B 299 -7.82 -7.95 17.72
CA ASN B 299 -8.58 -8.00 18.95
C ASN B 299 -8.03 -6.99 19.96
N VAL B 300 -8.84 -6.70 20.97
CA VAL B 300 -8.53 -5.70 21.98
C VAL B 300 -8.71 -6.35 23.34
N TRP B 301 -7.61 -6.74 23.97
CA TRP B 301 -7.65 -7.51 25.19
C TRP B 301 -7.60 -6.59 26.39
N ASP B 302 -8.53 -6.76 27.31
CA ASP B 302 -8.38 -6.20 28.64
C ASP B 302 -7.08 -6.73 29.22
N ALA B 303 -6.16 -5.83 29.53
CA ALA B 303 -4.83 -6.28 29.93
C ALA B 303 -4.82 -6.83 31.36
N LEU B 304 -5.51 -6.16 32.28
CA LEU B 304 -5.49 -6.62 33.67
C LEU B 304 -6.36 -7.85 33.84
N LYS B 305 -7.53 -7.87 33.23
CA LYS B 305 -8.30 -9.10 33.07
C LYS B 305 -7.74 -9.84 31.86
N ALA B 306 -8.47 -10.81 31.34
CA ALA B 306 -8.03 -11.51 30.14
C ALA B 306 -9.07 -11.50 29.03
N ASP B 307 -10.11 -10.69 29.13
CA ASP B 307 -11.23 -10.77 28.21
C ASP B 307 -11.01 -9.89 27.00
N ARG B 308 -11.29 -10.42 25.81
CA ARG B 308 -11.26 -9.64 24.59
C ARG B 308 -12.41 -8.65 24.64
N ALA B 309 -12.09 -7.39 24.93
CA ALA B 309 -13.07 -6.34 25.14
C ALA B 309 -13.32 -5.53 23.88
N GLY B 310 -13.23 -6.14 22.72
CA GLY B 310 -13.46 -5.44 21.48
C GLY B 310 -12.76 -6.11 20.32
N VAL B 311 -13.00 -5.57 19.12
CA VAL B 311 -12.45 -6.10 17.88
C VAL B 311 -12.25 -4.92 16.93
N LEU B 312 -11.26 -5.03 16.06
CA LEU B 312 -11.04 -4.06 14.99
C LEU B 312 -10.97 -4.86 13.69
N ALA B 313 -12.13 -5.12 13.11
CA ALA B 313 -12.27 -6.11 12.04
C ALA B 313 -12.31 -5.46 10.67
N GLY B 314 -11.66 -4.33 10.52
CA GLY B 314 -11.76 -3.61 9.27
C GLY B 314 -10.75 -3.93 8.19
N HIS B 315 -9.98 -5.02 8.30
CA HIS B 315 -9.01 -5.35 7.27
C HIS B 315 -9.44 -6.55 6.45
N ASP B 316 -9.09 -6.48 5.16
CA ASP B 316 -9.35 -7.56 4.22
C ASP B 316 -8.15 -8.47 4.03
N ASN B 317 -7.16 -8.40 4.90
CA ASN B 317 -6.00 -9.27 4.81
C ASN B 317 -5.29 -9.25 6.16
N ARG B 318 -4.23 -10.02 6.28
CA ARG B 318 -3.51 -10.16 7.53
C ARG B 318 -3.04 -8.80 8.05
N VAL B 319 -3.39 -8.49 9.30
CA VAL B 319 -2.92 -7.27 9.94
C VAL B 319 -1.46 -7.45 10.30
N SER B 320 -0.57 -6.88 9.48
CA SER B 320 0.84 -7.16 9.61
C SER B 320 1.54 -6.28 10.64
N CYS B 321 0.92 -5.20 11.09
CA CYS B 321 1.57 -4.30 12.02
C CYS B 321 0.56 -3.31 12.57
N LEU B 322 0.59 -3.09 13.87
CA LEU B 322 -0.20 -2.03 14.47
C LEU B 322 0.69 -1.21 15.38
N GLY B 323 0.19 -0.05 15.76
CA GLY B 323 0.90 0.82 16.66
C GLY B 323 -0.03 1.80 17.32
N VAL B 324 0.14 2.02 18.61
CA VAL B 324 -0.66 2.98 19.36
C VAL B 324 0.12 4.27 19.43
N THR B 325 -0.50 5.37 19.02
CA THR B 325 0.18 6.64 18.98
C THR B 325 0.62 7.05 20.37
N ASP B 326 1.74 7.76 20.43
CA ASP B 326 2.45 7.89 21.70
C ASP B 326 1.72 8.81 22.68
N ASP B 327 0.72 9.56 22.21
CA ASP B 327 -0.14 10.27 23.14
C ASP B 327 -1.43 9.52 23.43
N GLY B 328 -1.59 8.32 22.88
CA GLY B 328 -2.69 7.45 23.18
C GLY B 328 -3.94 7.68 22.36
N MET B 329 -3.96 8.70 21.51
CA MET B 329 -5.18 9.08 20.81
C MET B 329 -5.71 7.98 19.91
N ALA B 330 -4.84 7.35 19.13
CA ALA B 330 -5.29 6.50 18.04
C ALA B 330 -4.44 5.25 17.94
N VAL B 331 -4.94 4.31 17.15
CA VAL B 331 -4.27 3.05 16.84
C VAL B 331 -4.15 2.95 15.33
N ALA B 332 -2.94 2.77 14.84
CA ALA B 332 -2.72 2.56 13.42
C ALA B 332 -2.49 1.09 13.17
N THR B 333 -3.15 0.55 12.16
CA THR B 333 -2.98 -0.84 11.79
C THR B 333 -2.70 -0.91 10.31
N GLY B 334 -1.64 -1.60 9.94
CA GLY B 334 -1.37 -1.93 8.56
C GLY B 334 -1.75 -3.36 8.29
N SER B 335 -1.91 -3.69 7.02
CA SER B 335 -2.25 -5.06 6.67
C SER B 335 -1.69 -5.35 5.28
N TRP B 336 -1.74 -6.61 4.88
CA TRP B 336 -1.20 -6.95 3.58
C TRP B 336 -2.08 -6.48 2.44
N ASP B 337 -3.34 -6.13 2.71
CA ASP B 337 -4.01 -5.22 1.81
C ASP B 337 -3.45 -3.82 2.04
N SER B 338 -3.11 -3.13 0.97
CA SER B 338 -2.18 -2.01 1.08
C SER B 338 -2.84 -0.78 1.69
N PHE B 339 -3.36 -0.92 2.91
CA PHE B 339 -4.08 0.17 3.53
C PHE B 339 -3.73 0.27 5.01
N LEU B 340 -3.30 1.46 5.42
CA LEU B 340 -3.17 1.79 6.83
C LEU B 340 -4.49 2.40 7.29
N LYS B 341 -5.08 1.80 8.31
CA LYS B 341 -6.29 2.34 8.91
C LYS B 341 -5.95 2.91 10.27
N ILE B 342 -6.31 4.17 10.49
CA ILE B 342 -6.08 4.83 11.76
C ILE B 342 -7.37 4.78 12.56
N TRP B 343 -7.41 3.92 13.55
CA TRP B 343 -8.56 3.71 14.39
C TRP B 343 -8.58 4.76 15.49
N ASN B 344 -9.67 4.81 16.24
CA ASN B 344 -9.76 5.77 17.34
C ASN B 344 -10.99 5.52 18.19
N ALA C 7 35.44 -29.08 21.59
CA ALA C 7 34.54 -28.81 20.47
C ALA C 7 33.46 -27.81 20.85
N SER C 8 32.45 -28.29 21.57
CA SER C 8 31.35 -27.45 22.01
C SER C 8 31.24 -27.36 23.52
N ILE C 9 32.30 -27.74 24.25
CA ILE C 9 32.26 -27.59 25.71
C ILE C 9 32.28 -26.11 26.07
N ALA C 10 32.93 -25.28 25.27
CA ALA C 10 32.93 -23.85 25.51
C ALA C 10 31.58 -23.22 25.23
N GLN C 11 30.74 -23.87 24.43
CA GLN C 11 29.39 -23.35 24.18
C GLN C 11 28.45 -23.73 25.31
N ALA C 12 28.55 -24.98 25.81
CA ALA C 12 27.85 -25.36 27.02
C ALA C 12 28.51 -24.79 28.27
N ARG C 13 29.69 -24.21 28.15
CA ARG C 13 30.32 -23.53 29.28
C ARG C 13 29.79 -22.12 29.46
N LYS C 14 29.21 -21.54 28.43
CA LYS C 14 28.66 -20.19 28.47
C LYS C 14 27.16 -20.17 28.72
N LEU C 15 26.44 -21.20 28.27
CA LEU C 15 25.04 -21.33 28.62
C LEU C 15 24.87 -21.44 30.13
N VAL C 16 25.77 -22.18 30.79
CA VAL C 16 25.75 -22.22 32.25
C VAL C 16 26.17 -20.89 32.83
N GLU C 17 27.11 -20.19 32.17
CA GLU C 17 27.48 -18.86 32.63
C GLU C 17 26.33 -17.88 32.52
N GLN C 18 25.36 -18.14 31.65
CA GLN C 18 24.16 -17.32 31.60
C GLN C 18 23.15 -17.77 32.66
N LEU C 19 22.85 -19.06 32.71
CA LEU C 19 21.93 -19.58 33.71
C LEU C 19 22.43 -19.35 35.12
N LYS C 20 23.73 -19.21 35.33
CA LYS C 20 24.21 -18.80 36.64
C LYS C 20 23.76 -17.39 36.97
N MET C 21 23.78 -16.50 35.97
CA MET C 21 23.32 -15.13 36.17
C MET C 21 21.80 -15.03 36.20
N GLU C 22 21.10 -15.81 35.39
CA GLU C 22 19.65 -15.74 35.31
C GLU C 22 18.95 -16.53 36.41
N ALA C 23 19.67 -16.90 37.47
CA ALA C 23 19.07 -17.61 38.59
C ALA C 23 19.22 -16.89 39.91
N ASN C 24 20.08 -15.88 39.99
CA ASN C 24 20.31 -15.13 41.21
C ASN C 24 19.67 -13.74 41.19
N ILE C 25 18.83 -13.46 40.20
CA ILE C 25 18.01 -12.26 40.25
C ILE C 25 17.14 -12.30 41.51
N ASP C 26 16.84 -11.12 42.04
CA ASP C 26 15.89 -11.03 43.14
C ASP C 26 14.48 -10.82 42.59
N ARG C 27 13.58 -11.74 42.90
CA ARG C 27 12.25 -11.77 42.34
C ARG C 27 11.23 -11.40 43.42
N ILE C 28 10.40 -10.41 43.12
CA ILE C 28 9.29 -10.03 43.98
C ILE C 28 8.10 -10.88 43.59
N LYS C 29 7.33 -11.32 44.57
CA LYS C 29 6.24 -12.23 44.28
C LYS C 29 5.18 -11.54 43.44
N VAL C 30 4.36 -12.35 42.76
CA VAL C 30 3.43 -11.82 41.76
C VAL C 30 2.39 -10.92 42.38
N SER C 31 2.08 -11.12 43.66
CA SER C 31 1.11 -10.26 44.32
C SER C 31 1.61 -8.83 44.41
N LYS C 32 2.91 -8.65 44.69
CA LYS C 32 3.45 -7.30 44.76
C LYS C 32 3.71 -6.72 43.39
N ALA C 33 3.61 -7.51 42.33
CA ALA C 33 3.88 -7.03 40.98
C ALA C 33 2.67 -7.10 40.07
N ALA C 34 1.63 -7.83 40.44
CA ALA C 34 0.36 -7.69 39.75
C ALA C 34 -0.43 -6.50 40.29
N ALA C 35 -0.47 -6.34 41.61
CA ALA C 35 -1.13 -5.18 42.20
C ALA C 35 -0.39 -3.90 41.86
N ASP C 36 0.88 -4.00 41.47
CA ASP C 36 1.66 -2.85 41.04
C ASP C 36 1.44 -2.52 39.58
N LEU C 37 0.72 -3.37 38.84
CA LEU C 37 0.24 -3.03 37.51
C LEU C 37 -1.15 -2.44 37.54
N MET C 38 -2.00 -2.90 38.45
CA MET C 38 -3.28 -2.24 38.66
C MET C 38 -3.08 -0.79 39.09
N ALA C 39 -2.05 -0.54 39.89
CA ALA C 39 -1.76 0.82 40.32
C ALA C 39 -1.35 1.72 39.16
N TYR C 40 -0.91 1.16 38.04
CA TYR C 40 -0.60 1.98 36.89
C TYR C 40 -1.81 2.14 35.97
N CYS C 41 -2.49 1.03 35.67
CA CYS C 41 -3.65 1.08 34.80
C CYS C 41 -4.83 1.79 35.45
N GLU C 42 -4.80 2.00 36.76
CA GLU C 42 -5.87 2.71 37.44
C GLU C 42 -5.49 4.14 37.82
N ALA C 43 -4.21 4.48 37.74
CA ALA C 43 -3.77 5.86 37.92
C ALA C 43 -3.60 6.60 36.61
N HIS C 44 -3.73 5.91 35.49
CA HIS C 44 -3.61 6.50 34.17
C HIS C 44 -4.83 6.27 33.30
N ALA C 45 -5.90 5.70 33.86
CA ALA C 45 -7.11 5.50 33.08
C ALA C 45 -7.70 6.80 32.56
N LYS C 46 -7.39 7.92 33.21
CA LYS C 46 -7.89 9.21 32.74
C LYS C 46 -7.23 9.64 31.43
N GLU C 47 -5.90 9.56 31.34
CA GLU C 47 -5.19 10.01 30.16
C GLU C 47 -4.90 8.87 29.18
N ASP C 48 -5.93 8.13 28.77
CA ASP C 48 -5.83 7.37 27.54
C ASP C 48 -7.13 7.49 26.75
N PRO C 49 -7.06 8.06 25.54
CA PRO C 49 -8.29 8.29 24.76
C PRO C 49 -8.93 7.04 24.20
N LEU C 50 -8.32 5.87 24.34
CA LEU C 50 -8.87 4.65 23.74
C LEU C 50 -9.67 3.81 24.71
N LEU C 51 -9.35 3.90 26.01
CA LEU C 51 -10.14 3.22 27.04
C LEU C 51 -11.37 4.02 27.43
N THR C 52 -11.20 5.29 27.79
CA THR C 52 -12.28 6.21 28.08
C THR C 52 -12.46 7.11 26.87
N PRO C 53 -13.34 6.76 25.94
CA PRO C 53 -13.48 7.54 24.70
C PRO C 53 -13.85 8.99 24.98
N VAL C 54 -13.02 9.90 24.48
CA VAL C 54 -13.17 11.33 24.72
C VAL C 54 -14.22 11.90 23.79
N PRO C 55 -14.63 13.16 23.97
CA PRO C 55 -15.60 13.76 23.05
C PRO C 55 -14.97 14.03 21.69
N ALA C 56 -15.85 14.26 20.71
CA ALA C 56 -15.37 14.62 19.38
C ALA C 56 -14.74 15.99 19.35
N SER C 57 -14.90 16.79 20.40
CA SER C 57 -14.22 18.07 20.49
C SER C 57 -12.71 17.91 20.65
N GLU C 58 -12.29 16.86 21.35
CA GLU C 58 -10.88 16.68 21.67
C GLU C 58 -10.14 15.70 20.76
N ASN C 59 -10.87 14.91 19.92
CA ASN C 59 -9.82 14.16 19.25
C ASN C 59 -9.43 14.80 17.92
N PRO C 60 -8.18 14.65 17.50
CA PRO C 60 -7.74 15.26 16.25
C PRO C 60 -8.24 14.54 15.02
N PHE C 61 -8.85 13.36 15.16
CA PHE C 61 -9.28 12.56 14.02
C PHE C 61 -10.79 12.64 13.81
N ARG C 62 -11.45 13.68 14.34
CA ARG C 62 -12.90 13.73 14.31
C ARG C 62 -13.41 13.82 12.88
N GLU C 63 -12.75 14.63 12.05
CA GLU C 63 -13.00 14.71 10.61
C GLU C 63 -12.14 15.80 9.99
N PHE D 123 -49.31 -1.70 -31.54
CA PHE D 123 -50.69 -2.16 -31.49
C PHE D 123 -50.77 -3.58 -30.92
N MET D 124 -51.30 -3.68 -29.71
CA MET D 124 -51.41 -4.96 -29.03
C MET D 124 -52.32 -5.92 -29.79
N VAL D 125 -51.83 -7.12 -30.05
CA VAL D 125 -52.58 -8.15 -30.76
C VAL D 125 -52.32 -9.48 -30.06
N LEU D 126 -53.39 -10.14 -29.65
CA LEU D 126 -53.28 -11.35 -28.82
C LEU D 126 -54.21 -12.42 -29.35
N ASN D 127 -53.83 -13.68 -29.10
CA ASN D 127 -54.57 -14.83 -29.62
C ASN D 127 -55.94 -14.92 -28.96
N PRO D 128 -57.01 -14.60 -29.67
CA PRO D 128 -58.35 -14.59 -29.05
C PRO D 128 -58.84 -15.97 -28.66
N SER D 129 -58.38 -17.01 -29.37
CA SER D 129 -58.76 -18.37 -29.03
C SER D 129 -58.37 -18.72 -27.59
N GLN D 130 -57.21 -18.24 -27.16
CA GLN D 130 -56.74 -18.39 -25.78
C GLN D 130 -56.22 -17.06 -25.24
N GLN D 131 -57.02 -16.00 -25.40
CA GLN D 131 -56.62 -14.66 -24.96
C GLN D 131 -56.30 -14.64 -23.48
N LEU D 132 -57.03 -15.43 -22.70
CA LEU D 132 -56.68 -15.60 -21.29
C LEU D 132 -55.38 -16.38 -21.13
N ALA D 133 -55.19 -17.41 -21.96
CA ALA D 133 -54.03 -18.28 -21.83
C ALA D 133 -52.72 -17.57 -22.11
N ILE D 134 -52.75 -16.36 -22.65
CA ILE D 134 -51.51 -15.63 -22.92
C ILE D 134 -51.23 -14.59 -21.83
N ALA D 135 -52.25 -13.83 -21.43
CA ALA D 135 -52.04 -12.87 -20.35
C ALA D 135 -51.73 -13.58 -19.04
N VAL D 136 -52.21 -14.83 -18.88
CA VAL D 136 -51.92 -15.59 -17.67
C VAL D 136 -50.48 -16.07 -17.67
N LEU D 137 -49.89 -16.25 -18.86
CA LEU D 137 -48.49 -16.68 -18.92
C LEU D 137 -47.56 -15.57 -18.51
N SER D 138 -48.06 -14.33 -18.46
CA SER D 138 -47.22 -13.19 -18.09
C SER D 138 -46.66 -13.35 -16.68
N LEU D 139 -47.47 -13.84 -15.75
CA LEU D 139 -46.99 -14.01 -14.38
C LEU D 139 -46.17 -15.29 -14.23
N THR D 140 -46.49 -16.33 -15.00
CA THR D 140 -45.76 -17.58 -14.88
C THR D 140 -44.31 -17.42 -15.33
N LEU D 141 -44.07 -16.58 -16.35
CA LEU D 141 -42.72 -16.37 -16.86
C LEU D 141 -41.88 -15.58 -15.85
N GLY D 142 -42.52 -14.72 -15.06
CA GLY D 142 -41.77 -13.84 -14.19
C GLY D 142 -41.32 -14.52 -12.90
N THR D 143 -41.36 -15.85 -12.86
CA THR D 143 -41.04 -16.57 -11.63
C THR D 143 -39.57 -16.41 -11.24
N PHE D 144 -38.66 -16.84 -12.11
CA PHE D 144 -37.24 -16.82 -11.79
C PHE D 144 -36.68 -15.43 -12.11
N THR D 145 -35.34 -15.33 -12.14
CA THR D 145 -34.60 -14.08 -12.25
C THR D 145 -34.72 -13.33 -10.93
N VAL D 146 -35.18 -14.03 -9.90
CA VAL D 146 -35.29 -13.49 -8.56
C VAL D 146 -34.41 -14.26 -7.59
N LEU D 147 -34.32 -15.58 -7.77
CA LEU D 147 -33.49 -16.41 -6.91
C LEU D 147 -32.04 -16.42 -7.37
N GLU D 148 -31.80 -16.22 -8.66
CA GLU D 148 -30.45 -16.30 -9.19
C GLU D 148 -29.78 -14.93 -9.33
N ASN D 149 -30.39 -14.01 -10.08
CA ASN D 149 -29.72 -12.74 -10.33
C ASN D 149 -29.70 -11.88 -9.08
N LEU D 150 -30.60 -12.15 -8.13
CA LEU D 150 -30.53 -11.46 -6.85
C LEU D 150 -29.39 -11.99 -5.99
N LEU D 151 -29.09 -13.29 -6.12
CA LEU D 151 -27.95 -13.86 -5.41
C LEU D 151 -26.62 -13.53 -6.06
N VAL D 152 -26.63 -12.99 -7.28
CA VAL D 152 -25.38 -12.72 -7.97
C VAL D 152 -24.77 -11.38 -7.58
N LEU D 153 -25.59 -10.40 -7.18
CA LEU D 153 -25.03 -9.13 -6.79
C LEU D 153 -24.68 -9.06 -5.31
N CYS D 154 -24.96 -10.11 -4.54
CA CYS D 154 -24.65 -10.10 -3.11
C CYS D 154 -23.19 -10.46 -2.87
N VAL D 155 -22.45 -10.71 -3.96
CA VAL D 155 -21.00 -10.87 -3.83
C VAL D 155 -20.36 -9.56 -3.38
N ILE D 156 -21.06 -8.44 -3.61
CA ILE D 156 -20.67 -7.18 -2.95
C ILE D 156 -20.86 -7.31 -1.45
N LEU D 157 -21.80 -8.16 -1.02
CA LEU D 157 -21.98 -8.43 0.40
C LEU D 157 -21.00 -9.50 0.88
N HIS D 158 -20.63 -10.42 -0.02
CA HIS D 158 -19.54 -11.35 0.24
C HIS D 158 -18.24 -10.77 -0.29
N SER D 159 -18.12 -9.45 -0.29
CA SER D 159 -16.90 -8.79 -0.73
C SER D 159 -15.74 -9.19 0.18
N ARG D 160 -14.53 -8.79 -0.23
CA ARG D 160 -13.30 -9.21 0.43
C ARG D 160 -13.07 -10.71 0.28
N SER D 161 -13.69 -11.29 -0.75
CA SER D 161 -13.46 -12.69 -1.10
C SER D 161 -12.04 -12.96 -1.59
N LEU D 162 -11.52 -12.17 -2.56
CA LEU D 162 -12.06 -10.94 -3.15
C LEU D 162 -12.78 -11.18 -4.47
N ARG D 163 -13.81 -10.38 -4.72
CA ARG D 163 -14.67 -10.53 -5.88
C ARG D 163 -14.84 -9.24 -6.68
N CYS D 164 -14.23 -8.13 -6.23
CA CYS D 164 -14.45 -6.82 -6.84
C CYS D 164 -13.20 -6.40 -7.62
N ARG D 165 -13.07 -6.91 -8.84
CA ARG D 165 -12.07 -6.46 -9.80
C ARG D 165 -12.77 -6.04 -11.09
N PRO D 166 -12.06 -5.35 -12.01
CA PRO D 166 -12.76 -4.64 -13.10
C PRO D 166 -13.65 -5.50 -13.98
N SER D 167 -13.39 -6.80 -14.06
CA SER D 167 -14.27 -7.66 -14.85
C SER D 167 -15.40 -8.28 -14.04
N TYR D 168 -15.53 -7.93 -12.76
CA TYR D 168 -16.66 -8.41 -11.96
C TYR D 168 -17.73 -7.35 -11.74
N HIS D 169 -17.48 -6.09 -12.07
CA HIS D 169 -18.58 -5.14 -12.01
C HIS D 169 -19.12 -4.83 -13.41
N PHE D 170 -18.41 -5.29 -14.43
CA PHE D 170 -19.04 -5.43 -15.75
C PHE D 170 -20.12 -6.49 -15.70
N ILE D 171 -19.79 -7.66 -15.15
CA ILE D 171 -20.82 -8.66 -14.87
C ILE D 171 -21.80 -8.13 -13.83
N GLY D 172 -21.34 -7.25 -12.95
CA GLY D 172 -22.26 -6.59 -12.03
C GLY D 172 -23.20 -5.65 -12.76
N SER D 173 -22.71 -4.98 -13.80
CA SER D 173 -23.57 -4.14 -14.62
C SER D 173 -24.73 -4.92 -15.20
N LEU D 174 -24.43 -6.00 -15.95
CA LEU D 174 -25.51 -6.83 -16.47
C LEU D 174 -26.21 -7.58 -15.35
N ALA D 175 -25.57 -7.69 -14.18
CA ALA D 175 -26.23 -8.27 -13.04
C ALA D 175 -27.43 -7.43 -12.61
N VAL D 176 -27.34 -6.12 -12.75
CA VAL D 176 -28.44 -5.24 -12.37
C VAL D 176 -29.32 -4.91 -13.57
N ALA D 177 -28.70 -4.59 -14.71
CA ALA D 177 -29.45 -4.33 -15.93
C ALA D 177 -30.30 -5.52 -16.33
N ASP D 178 -29.89 -6.73 -15.98
CA ASP D 178 -30.75 -7.89 -16.14
C ASP D 178 -31.82 -7.90 -15.05
N LEU D 179 -31.65 -7.09 -14.02
CA LEU D 179 -32.68 -6.98 -13.00
C LEU D 179 -33.65 -5.85 -13.32
N LEU D 180 -33.13 -4.75 -13.87
CA LEU D 180 -34.00 -3.66 -14.30
C LEU D 180 -34.98 -4.14 -15.38
N GLY D 181 -34.46 -4.67 -16.49
CA GLY D 181 -35.34 -5.11 -17.56
C GLY D 181 -36.08 -6.38 -17.22
N SER D 182 -35.70 -7.04 -16.13
CA SER D 182 -36.47 -8.18 -15.64
C SER D 182 -37.82 -7.70 -15.09
N VAL D 183 -37.83 -6.51 -14.49
CA VAL D 183 -39.08 -5.98 -13.93
C VAL D 183 -39.73 -5.03 -14.93
N ILE D 184 -38.94 -4.25 -15.65
CA ILE D 184 -39.48 -3.32 -16.64
C ILE D 184 -40.24 -4.08 -17.72
N PHE D 185 -39.75 -5.26 -18.08
CA PHE D 185 -40.37 -6.01 -19.17
C PHE D 185 -41.60 -6.77 -18.69
N VAL D 186 -41.49 -7.46 -17.56
CA VAL D 186 -42.64 -8.17 -17.01
C VAL D 186 -43.76 -7.19 -16.68
N TYR D 187 -43.40 -5.97 -16.28
CA TYR D 187 -44.39 -4.95 -15.99
C TYR D 187 -45.10 -4.50 -17.26
N SER D 188 -44.50 -4.73 -18.43
CA SER D 188 -45.17 -4.40 -19.67
C SER D 188 -46.17 -5.48 -20.06
N PHE D 189 -45.85 -6.74 -19.78
CA PHE D 189 -46.81 -7.80 -20.09
C PHE D 189 -47.84 -7.98 -18.99
N ILE D 190 -47.81 -7.12 -17.97
CA ILE D 190 -49.02 -6.90 -17.20
C ILE D 190 -49.73 -5.65 -17.72
N ASP D 191 -48.99 -4.79 -18.41
CA ASP D 191 -49.59 -3.65 -19.11
C ASP D 191 -50.17 -4.07 -20.45
N PHE D 192 -49.31 -4.46 -21.40
CA PHE D 192 -49.72 -5.14 -22.63
C PHE D 192 -50.56 -4.26 -23.56
N HIS D 193 -50.76 -2.98 -23.22
CA HIS D 193 -51.45 -1.99 -24.05
C HIS D 193 -52.98 -2.16 -24.03
N VAL D 194 -53.52 -3.21 -23.43
CA VAL D 194 -54.97 -3.40 -23.54
C VAL D 194 -55.64 -3.49 -22.17
N PHE D 195 -55.03 -4.21 -21.22
CA PHE D 195 -55.74 -4.46 -19.97
C PHE D 195 -55.44 -3.39 -18.92
N HIS D 196 -54.17 -3.23 -18.56
CA HIS D 196 -53.79 -2.42 -17.40
C HIS D 196 -53.23 -1.09 -17.86
N ARG D 197 -54.08 -0.06 -17.88
CA ARG D 197 -53.67 1.31 -18.20
C ARG D 197 -53.02 1.35 -19.58
N LYS D 198 -53.87 1.12 -20.59
CA LYS D 198 -53.48 0.76 -21.95
C LYS D 198 -52.25 1.49 -22.47
N ASP D 199 -52.30 2.82 -22.58
CA ASP D 199 -51.14 3.57 -23.06
C ASP D 199 -51.41 5.06 -23.00
N SER D 200 -50.40 5.83 -23.39
CA SER D 200 -50.51 7.23 -23.77
C SER D 200 -49.62 7.45 -24.98
N ARG D 201 -49.61 8.67 -25.49
CA ARG D 201 -48.79 8.99 -26.65
C ARG D 201 -47.47 9.65 -26.28
N ASN D 202 -47.33 10.09 -25.04
CA ASN D 202 -46.13 10.76 -24.58
C ASN D 202 -45.45 10.07 -23.40
N VAL D 203 -46.22 9.68 -22.38
CA VAL D 203 -45.62 9.08 -21.18
C VAL D 203 -45.35 7.59 -21.36
N PHE D 204 -46.08 6.92 -22.25
CA PHE D 204 -45.88 5.48 -22.45
C PHE D 204 -44.47 5.16 -22.91
N LEU D 205 -43.86 6.04 -23.70
CA LEU D 205 -42.54 5.78 -24.23
C LEU D 205 -41.48 5.72 -23.14
N PHE D 206 -41.73 6.35 -22.00
CA PHE D 206 -40.75 6.26 -20.91
C PHE D 206 -40.87 4.93 -20.18
N LYS D 207 -41.92 4.16 -20.45
CA LYS D 207 -41.88 2.74 -20.15
C LYS D 207 -41.15 1.97 -21.24
N LEU D 208 -41.26 2.43 -22.49
CA LEU D 208 -40.32 1.98 -23.51
C LEU D 208 -38.90 2.33 -23.14
N GLY D 209 -38.72 3.52 -22.54
CA GLY D 209 -37.38 3.94 -22.12
C GLY D 209 -36.77 2.99 -21.11
N GLY D 210 -37.62 2.28 -20.35
CA GLY D 210 -37.11 1.24 -19.48
C GLY D 210 -36.68 -0.01 -20.24
N VAL D 211 -37.43 -0.37 -21.28
CA VAL D 211 -37.16 -1.61 -22.00
C VAL D 211 -35.88 -1.48 -22.83
N THR D 212 -35.58 -0.26 -23.28
CA THR D 212 -34.30 -0.02 -23.94
C THR D 212 -33.20 0.30 -22.94
N ALA D 213 -33.55 0.86 -21.79
CA ALA D 213 -32.55 1.13 -20.76
C ALA D 213 -31.91 -0.16 -20.26
N SER D 214 -32.64 -1.27 -20.29
CA SER D 214 -32.10 -2.53 -19.81
C SER D 214 -31.55 -3.39 -20.93
N PHE D 215 -32.29 -3.49 -22.05
CA PHE D 215 -31.85 -4.33 -23.14
C PHE D 215 -30.57 -3.79 -23.77
N THR D 216 -30.31 -2.49 -23.63
CA THR D 216 -29.06 -1.93 -24.10
C THR D 216 -28.01 -1.86 -23.00
N ALA D 217 -28.44 -1.77 -21.74
CA ALA D 217 -27.49 -1.90 -20.64
C ALA D 217 -26.95 -3.32 -20.57
N SER D 218 -27.80 -4.30 -20.90
CA SER D 218 -27.34 -5.68 -21.01
C SER D 218 -26.27 -5.81 -22.09
N VAL D 219 -26.59 -5.35 -23.30
CA VAL D 219 -25.62 -5.42 -24.40
C VAL D 219 -24.45 -4.49 -24.15
N GLY D 220 -24.65 -3.48 -23.32
CA GLY D 220 -23.52 -2.66 -22.90
C GLY D 220 -22.64 -3.37 -21.89
N SER D 221 -23.27 -4.09 -20.95
CA SER D 221 -22.50 -4.87 -19.98
C SER D 221 -21.90 -6.10 -20.63
N LEU D 222 -22.67 -6.77 -21.48
CA LEU D 222 -22.19 -7.95 -22.18
C LEU D 222 -21.08 -7.59 -23.17
N PHE D 223 -21.09 -6.37 -23.69
CA PHE D 223 -20.05 -5.96 -24.65
C PHE D 223 -18.74 -5.68 -23.94
N LEU D 224 -18.78 -4.87 -22.89
CA LEU D 224 -17.55 -4.53 -22.17
C LEU D 224 -16.91 -5.78 -21.55
N THR D 225 -17.73 -6.71 -21.06
CA THR D 225 -17.18 -7.93 -20.48
C THR D 225 -16.47 -8.77 -21.54
N ALA D 226 -16.84 -8.60 -22.81
CA ALA D 226 -16.09 -9.23 -23.88
C ALA D 226 -15.03 -8.31 -24.47
N ILE D 227 -14.96 -7.06 -24.00
CA ILE D 227 -13.90 -6.18 -24.49
C ILE D 227 -12.69 -6.18 -23.56
N ASP D 228 -12.83 -6.70 -22.34
CA ASP D 228 -11.66 -6.94 -21.50
C ASP D 228 -11.18 -8.37 -21.59
N ARG D 229 -12.09 -9.31 -21.83
CA ARG D 229 -11.68 -10.69 -22.10
C ARG D 229 -10.96 -10.79 -23.44
N TYR D 230 -11.10 -9.79 -24.30
CA TYR D 230 -10.35 -9.77 -25.54
C TYR D 230 -8.92 -9.30 -25.30
N ILE D 231 -8.76 -8.13 -24.67
CA ILE D 231 -7.43 -7.64 -24.33
C ILE D 231 -6.77 -8.46 -23.23
N SER D 232 -7.52 -9.35 -22.58
CA SER D 232 -6.93 -10.26 -21.62
C SER D 232 -6.03 -11.28 -22.29
N ILE D 233 -6.45 -11.84 -23.43
CA ILE D 233 -5.69 -12.86 -24.11
C ILE D 233 -5.02 -12.34 -25.37
N HIS D 234 -5.50 -11.24 -25.95
CA HIS D 234 -4.81 -10.64 -27.08
C HIS D 234 -3.49 -10.02 -26.63
N ARG D 235 -3.53 -9.17 -25.60
CA ARG D 235 -2.34 -8.52 -25.07
C ARG D 235 -2.22 -8.90 -23.60
N PRO D 236 -1.81 -10.14 -23.32
CA PRO D 236 -1.86 -10.64 -21.93
C PRO D 236 -0.92 -9.92 -20.98
N LEU D 237 0.25 -9.52 -21.47
CA LEU D 237 1.19 -8.79 -20.62
C LEU D 237 0.65 -7.42 -20.26
N ALA D 238 0.02 -6.74 -21.21
CA ALA D 238 -0.50 -5.40 -21.02
C ALA D 238 -1.95 -5.39 -20.57
N TYR D 239 -2.39 -6.44 -19.87
CA TYR D 239 -3.77 -6.47 -19.38
C TYR D 239 -3.92 -5.64 -18.12
N LYS D 240 -3.01 -5.82 -17.16
CA LYS D 240 -3.09 -5.05 -15.93
C LYS D 240 -2.85 -3.56 -16.16
N ARG D 241 -2.12 -3.20 -17.22
CA ARG D 241 -1.85 -1.80 -17.50
C ARG D 241 -2.98 -1.13 -18.27
N ILE D 242 -3.94 -1.89 -18.78
CA ILE D 242 -5.08 -1.31 -19.48
C ILE D 242 -6.33 -1.31 -18.62
N VAL D 243 -6.79 -2.47 -18.19
CA VAL D 243 -7.99 -2.58 -17.36
C VAL D 243 -7.59 -2.39 -15.90
N THR D 244 -8.24 -1.43 -15.23
CA THR D 244 -7.84 -1.04 -13.89
C THR D 244 -9.08 -0.56 -13.14
N ARG D 245 -8.85 0.16 -12.04
CA ARG D 245 -9.89 0.76 -11.22
C ARG D 245 -10.42 2.05 -11.85
N PRO D 246 -9.56 2.99 -12.30
CA PRO D 246 -10.08 4.19 -12.97
C PRO D 246 -10.96 3.88 -14.16
N LYS D 247 -10.44 3.15 -15.15
CA LYS D 247 -11.30 2.64 -16.19
C LYS D 247 -12.16 1.52 -15.62
N ALA D 248 -13.10 1.05 -16.44
CA ALA D 248 -14.07 0.02 -16.09
C ALA D 248 -15.16 0.55 -15.16
N VAL D 249 -15.01 1.75 -14.66
CA VAL D 249 -16.09 2.54 -14.07
C VAL D 249 -16.47 3.70 -14.97
N VAL D 250 -15.49 4.26 -15.67
CA VAL D 250 -15.75 5.22 -16.73
C VAL D 250 -16.54 4.56 -17.85
N ALA D 251 -15.95 3.54 -18.48
CA ALA D 251 -16.65 2.82 -19.54
C ALA D 251 -17.86 2.08 -18.98
N PHE D 252 -17.85 1.80 -17.67
CA PHE D 252 -19.03 1.28 -17.00
C PHE D 252 -20.22 2.21 -17.18
N CYS D 253 -20.12 3.42 -16.64
CA CYS D 253 -21.26 4.34 -16.63
C CYS D 253 -21.64 4.77 -18.05
N LEU D 254 -20.67 4.80 -18.96
CA LEU D 254 -20.97 5.19 -20.33
C LEU D 254 -21.90 4.18 -20.99
N MET D 255 -21.89 2.93 -20.53
CA MET D 255 -22.87 1.96 -21.02
C MET D 255 -24.23 2.19 -20.38
N TRP D 256 -24.24 2.77 -19.17
CA TRP D 256 -25.49 3.15 -18.53
C TRP D 256 -25.96 4.54 -18.94
N THR D 257 -25.10 5.34 -19.56
CA THR D 257 -25.45 6.68 -19.99
C THR D 257 -25.97 6.70 -21.42
N ILE D 258 -25.28 6.04 -22.35
CA ILE D 258 -25.78 5.96 -23.72
C ILE D 258 -26.86 4.89 -23.84
N ALA D 259 -27.09 4.11 -22.79
CA ALA D 259 -28.28 3.28 -22.75
C ALA D 259 -29.54 4.13 -22.58
N ILE D 260 -29.38 5.37 -22.14
CA ILE D 260 -30.48 6.31 -22.04
C ILE D 260 -30.52 7.26 -23.24
N VAL D 261 -29.36 7.76 -23.68
CA VAL D 261 -29.34 8.68 -24.80
C VAL D 261 -29.73 7.97 -26.09
N ILE D 262 -29.64 6.65 -26.13
CA ILE D 262 -30.13 5.88 -27.26
C ILE D 262 -31.55 5.42 -26.95
N ALA D 263 -32.12 5.97 -25.87
CA ALA D 263 -33.44 5.55 -25.41
C ALA D 263 -34.53 6.58 -25.67
N VAL D 264 -34.20 7.77 -26.16
CA VAL D 264 -35.17 8.84 -26.40
C VAL D 264 -34.87 9.46 -27.77
N LEU D 265 -35.56 9.00 -28.80
CA LEU D 265 -35.61 9.76 -30.05
C LEU D 265 -36.68 10.85 -30.03
N PRO D 266 -37.93 10.55 -29.69
CA PRO D 266 -38.98 11.58 -29.79
C PRO D 266 -38.78 12.76 -28.85
N LEU D 267 -37.89 12.67 -27.86
CA LEU D 267 -37.60 13.83 -27.04
C LEU D 267 -36.75 14.86 -27.77
N LEU D 268 -36.11 14.49 -28.87
CA LEU D 268 -35.28 15.43 -29.62
C LEU D 268 -35.50 15.30 -31.13
N ASP D 281 -43.37 2.81 -36.44
CA ASP D 281 -44.81 2.99 -36.23
C ASP D 281 -45.57 1.68 -36.40
N ILE D 282 -45.02 0.57 -35.89
CA ILE D 282 -45.67 -0.71 -36.07
C ILE D 282 -45.96 -1.40 -34.74
N PHE D 283 -44.94 -1.83 -33.99
CA PHE D 283 -45.32 -2.64 -32.83
C PHE D 283 -45.89 -1.82 -31.67
N PRO D 284 -45.08 -1.08 -30.87
CA PRO D 284 -45.72 -0.36 -29.76
C PRO D 284 -46.47 0.89 -30.17
N HIS D 285 -45.71 1.93 -30.51
CA HIS D 285 -46.15 3.07 -31.30
C HIS D 285 -44.99 3.69 -32.09
N ILE D 286 -43.79 3.12 -32.00
CA ILE D 286 -42.55 3.86 -32.20
C ILE D 286 -42.12 3.81 -33.66
N ASP D 287 -41.29 4.78 -34.03
CA ASP D 287 -40.79 5.01 -35.37
C ASP D 287 -40.23 3.76 -36.02
N GLU D 288 -40.26 3.70 -37.36
CA GLU D 288 -39.63 2.62 -38.10
C GLU D 288 -38.24 2.96 -38.62
N THR D 289 -37.89 4.24 -38.66
CA THR D 289 -36.54 4.66 -39.04
C THR D 289 -35.58 4.63 -37.86
N TYR D 290 -36.11 4.83 -36.65
CA TYR D 290 -35.33 4.63 -35.43
C TYR D 290 -35.30 3.17 -34.99
N LEU D 291 -36.31 2.38 -35.37
CA LEU D 291 -36.34 0.98 -34.97
C LEU D 291 -35.17 0.21 -35.56
N MET D 292 -34.64 0.70 -36.70
CA MET D 292 -33.47 0.05 -37.30
C MET D 292 -32.17 0.59 -36.70
N PHE D 293 -32.19 1.84 -36.21
CA PHE D 293 -31.01 2.40 -35.58
C PHE D 293 -30.61 1.62 -34.33
N TRP D 294 -31.61 1.16 -33.56
CA TRP D 294 -31.31 0.33 -32.41
C TRP D 294 -30.74 -1.01 -32.88
N ILE D 295 -31.18 -1.50 -34.04
CA ILE D 295 -30.47 -2.59 -34.71
C ILE D 295 -29.07 -2.16 -35.08
N GLY D 296 -28.89 -0.88 -35.44
CA GLY D 296 -27.55 -0.39 -35.73
C GLY D 296 -26.64 -0.44 -34.52
N VAL D 297 -27.22 -0.50 -33.33
CA VAL D 297 -26.43 -0.61 -32.10
C VAL D 297 -26.32 -2.06 -31.65
N THR D 298 -27.45 -2.70 -31.39
CA THR D 298 -27.42 -4.04 -30.81
C THR D 298 -26.83 -5.06 -31.78
N SER D 299 -27.18 -4.97 -33.06
CA SER D 299 -26.59 -5.90 -34.03
C SER D 299 -25.10 -5.66 -34.20
N VAL D 300 -24.65 -4.41 -34.10
CA VAL D 300 -23.22 -4.13 -34.24
C VAL D 300 -22.46 -4.53 -32.98
N LEU D 301 -23.09 -4.43 -31.81
CA LEU D 301 -22.42 -4.87 -30.60
C LEU D 301 -22.44 -6.38 -30.46
N LEU D 302 -23.25 -7.08 -31.27
CA LEU D 302 -23.20 -8.52 -31.25
C LEU D 302 -22.30 -9.09 -32.34
N LEU D 303 -21.65 -8.24 -33.13
CA LEU D 303 -20.61 -8.72 -34.00
C LEU D 303 -19.24 -8.59 -33.33
N PHE D 304 -19.07 -7.57 -32.49
CA PHE D 304 -17.82 -7.42 -31.76
C PHE D 304 -17.79 -8.23 -30.48
N ILE D 305 -18.91 -8.86 -30.11
CA ILE D 305 -18.90 -9.84 -29.03
C ILE D 305 -18.76 -11.25 -29.59
N VAL D 306 -18.93 -11.43 -30.89
CA VAL D 306 -18.67 -12.72 -31.51
C VAL D 306 -17.25 -12.80 -32.05
N TYR D 307 -16.76 -11.72 -32.66
CA TYR D 307 -15.37 -11.69 -33.08
C TYR D 307 -14.42 -11.76 -31.90
N ALA D 308 -14.84 -11.23 -30.75
CA ALA D 308 -14.00 -11.31 -29.56
C ALA D 308 -13.88 -12.74 -29.07
N TYR D 309 -15.01 -13.40 -28.85
CA TYR D 309 -14.96 -14.76 -28.30
C TYR D 309 -14.47 -15.78 -29.31
N MET D 310 -14.76 -15.60 -30.61
CA MET D 310 -14.18 -16.50 -31.58
C MET D 310 -12.66 -16.31 -31.66
N TYR D 311 -12.19 -15.07 -31.61
CA TYR D 311 -10.76 -14.81 -31.59
C TYR D 311 -10.10 -15.46 -30.38
N ILE D 312 -10.77 -15.39 -29.23
CA ILE D 312 -10.20 -15.94 -28.00
C ILE D 312 -10.11 -17.45 -28.05
N LEU D 313 -10.85 -18.12 -28.93
CA LEU D 313 -10.58 -19.52 -29.19
C LEU D 313 -9.55 -19.71 -30.30
N TRP D 314 -9.39 -18.71 -31.16
CA TRP D 314 -8.31 -18.77 -32.12
C TRP D 314 -6.96 -18.63 -31.44
N LYS D 315 -6.71 -17.48 -30.80
CA LYS D 315 -5.42 -17.24 -30.18
C LYS D 315 -5.16 -18.22 -29.04
N ALA D 316 -6.21 -18.68 -28.36
CA ALA D 316 -6.02 -19.76 -27.42
C ALA D 316 -5.58 -21.02 -28.13
N HIS D 317 -6.03 -21.20 -29.38
CA HIS D 317 -5.69 -22.43 -30.10
C HIS D 317 -4.30 -22.34 -30.72
N SER D 318 -3.94 -21.17 -31.27
CA SER D 318 -2.58 -20.99 -31.75
C SER D 318 -1.59 -21.12 -30.60
N HIS D 319 -1.92 -20.51 -29.46
CA HIS D 319 -1.05 -20.58 -28.29
C HIS D 319 -0.95 -22.00 -27.75
N ALA D 320 -2.08 -22.60 -27.38
CA ALA D 320 -2.05 -23.85 -26.63
C ALA D 320 -1.46 -24.99 -27.46
N VAL D 321 -1.49 -24.87 -28.78
CA VAL D 321 -0.87 -25.90 -29.61
C VAL D 321 0.64 -25.72 -29.64
N ARG D 322 1.10 -24.47 -29.63
CA ARG D 322 2.54 -24.21 -29.71
C ARG D 322 3.28 -24.76 -28.51
N MET D 323 2.68 -24.73 -27.33
CA MET D 323 3.37 -25.26 -26.15
C MET D 323 3.54 -26.76 -26.23
N ILE D 324 2.50 -27.47 -26.69
CA ILE D 324 2.67 -28.89 -27.00
C ILE D 324 3.46 -29.06 -28.29
N GLN D 325 3.45 -28.03 -29.15
CA GLN D 325 4.35 -28.02 -30.30
C GLN D 325 5.80 -28.01 -29.85
N ARG D 326 6.08 -27.36 -28.73
CA ARG D 326 7.38 -27.49 -28.07
C ARG D 326 7.38 -28.69 -27.15
N ALA D 350 -3.49 -29.10 -27.39
CA ALA D 350 -4.63 -28.28 -26.97
C ALA D 350 -5.23 -28.79 -25.65
N ARG D 351 -4.67 -28.32 -24.54
CA ARG D 351 -5.18 -28.67 -23.21
C ARG D 351 -6.01 -27.55 -22.59
N MET D 352 -5.88 -26.32 -23.08
CA MET D 352 -6.67 -25.21 -22.57
C MET D 352 -7.86 -24.90 -23.44
N ASP D 353 -7.80 -25.25 -24.73
CA ASP D 353 -8.81 -24.94 -25.71
C ASP D 353 -10.03 -25.85 -25.63
N ILE D 354 -10.12 -26.68 -24.60
CA ILE D 354 -11.32 -27.45 -24.31
C ILE D 354 -11.91 -27.06 -22.97
N ARG D 355 -11.06 -26.63 -22.03
CA ARG D 355 -11.56 -25.96 -20.84
C ARG D 355 -12.10 -24.58 -21.19
N LEU D 356 -11.69 -24.04 -22.33
CA LEU D 356 -12.12 -22.72 -22.77
C LEU D 356 -13.09 -22.76 -23.93
N ALA D 357 -13.13 -23.86 -24.70
CA ALA D 357 -14.10 -23.96 -25.77
C ALA D 357 -15.49 -24.31 -25.24
N LYS D 358 -15.56 -25.11 -24.18
CA LYS D 358 -16.86 -25.45 -23.60
C LYS D 358 -17.38 -24.38 -22.64
N THR D 359 -16.84 -23.17 -22.71
CA THR D 359 -17.44 -22.04 -22.01
C THR D 359 -17.62 -20.82 -22.91
N LEU D 360 -16.86 -20.75 -24.02
CA LEU D 360 -17.01 -19.67 -24.96
C LEU D 360 -18.00 -19.96 -26.09
N VAL D 361 -18.16 -21.23 -26.49
CA VAL D 361 -19.16 -21.52 -27.50
C VAL D 361 -20.54 -21.53 -26.89
N LEU D 362 -20.63 -21.74 -25.58
CA LEU D 362 -21.93 -21.67 -24.92
C LEU D 362 -22.39 -20.23 -24.78
N ILE D 363 -21.46 -19.29 -24.63
CA ILE D 363 -21.84 -17.88 -24.60
C ILE D 363 -22.39 -17.44 -25.94
N LEU D 364 -21.92 -18.02 -27.04
CA LEU D 364 -22.42 -17.61 -28.33
C LEU D 364 -23.68 -18.39 -28.74
N VAL D 365 -23.84 -19.62 -28.27
CA VAL D 365 -25.09 -20.34 -28.48
C VAL D 365 -26.23 -19.65 -27.74
N VAL D 366 -26.01 -19.36 -26.45
CA VAL D 366 -26.99 -18.59 -25.67
C VAL D 366 -27.27 -17.24 -26.29
N LEU D 367 -26.24 -16.56 -26.79
CA LEU D 367 -26.42 -15.22 -27.34
C LEU D 367 -27.21 -15.26 -28.63
N ILE D 368 -27.02 -16.29 -29.46
CA ILE D 368 -27.69 -16.32 -30.75
C ILE D 368 -29.18 -16.60 -30.58
N ILE D 369 -29.54 -17.45 -29.63
CA ILE D 369 -30.95 -17.73 -29.42
C ILE D 369 -31.62 -16.53 -28.76
N CYS D 370 -30.84 -15.66 -28.12
CA CYS D 370 -31.40 -14.46 -27.53
C CYS D 370 -31.68 -13.39 -28.57
N TRP D 371 -30.65 -12.89 -29.24
CA TRP D 371 -30.79 -11.76 -30.14
C TRP D 371 -30.92 -12.17 -31.60
N GLY D 372 -31.11 -13.45 -31.89
CA GLY D 372 -31.21 -13.90 -33.25
C GLY D 372 -32.62 -13.80 -33.79
N PRO D 373 -33.55 -14.52 -33.16
CA PRO D 373 -34.94 -14.45 -33.61
C PRO D 373 -35.57 -13.07 -33.43
N LEU D 374 -35.45 -12.48 -32.24
CA LEU D 374 -36.12 -11.21 -31.98
C LEU D 374 -35.61 -10.12 -32.90
N LEU D 375 -34.29 -9.99 -33.04
CA LEU D 375 -33.75 -9.01 -33.96
C LEU D 375 -34.11 -9.35 -35.39
N ALA D 376 -34.30 -10.65 -35.68
CA ALA D 376 -34.74 -11.04 -37.01
C ALA D 376 -36.15 -10.53 -37.29
N ILE D 377 -37.12 -10.95 -36.47
CA ILE D 377 -38.51 -10.52 -36.67
C ILE D 377 -38.61 -9.00 -36.54
N MET D 378 -37.84 -8.42 -35.62
CA MET D 378 -37.93 -6.98 -35.42
C MET D 378 -37.33 -6.20 -36.58
N VAL D 379 -36.55 -6.88 -37.43
CA VAL D 379 -36.06 -6.23 -38.66
C VAL D 379 -36.83 -6.71 -39.88
N TYR D 380 -37.74 -7.67 -39.71
CA TYR D 380 -38.67 -8.02 -40.79
C TYR D 380 -39.57 -6.83 -41.16
N ASP D 381 -39.77 -5.90 -40.23
CA ASP D 381 -40.61 -4.74 -40.49
C ASP D 381 -40.13 -3.96 -41.70
N VAL D 382 -38.86 -3.55 -41.69
CA VAL D 382 -38.35 -2.73 -42.79
C VAL D 382 -37.91 -3.58 -43.98
N PHE D 383 -37.55 -4.84 -43.76
CA PHE D 383 -37.22 -5.76 -44.83
C PHE D 383 -38.42 -6.56 -45.32
N GLY D 384 -39.64 -6.11 -44.98
CA GLY D 384 -40.83 -6.81 -45.42
C GLY D 384 -42.07 -5.98 -45.13
N LYS D 385 -43.23 -6.61 -45.29
CA LYS D 385 -44.51 -5.99 -44.99
C LYS D 385 -45.06 -6.61 -43.71
N MET D 386 -45.11 -5.80 -42.65
CA MET D 386 -45.50 -6.30 -41.33
C MET D 386 -46.96 -6.72 -41.34
N ASN D 387 -47.22 -7.97 -40.95
CA ASN D 387 -48.56 -8.53 -40.92
C ASN D 387 -48.97 -8.82 -39.49
N LYS D 388 -50.28 -9.02 -39.30
CA LYS D 388 -50.78 -9.40 -37.98
C LYS D 388 -50.49 -10.86 -37.65
N LEU D 389 -50.15 -11.66 -38.66
CA LEU D 389 -49.92 -13.08 -38.44
C LEU D 389 -48.46 -13.35 -38.04
N ILE D 390 -47.59 -12.34 -38.11
CA ILE D 390 -46.20 -12.57 -37.74
C ILE D 390 -45.98 -12.33 -36.26
N LYS D 391 -46.68 -11.36 -35.68
CA LYS D 391 -46.48 -10.99 -34.27
C LYS D 391 -47.49 -11.67 -33.35
N THR D 392 -48.00 -12.83 -33.76
CA THR D 392 -48.80 -13.64 -32.85
C THR D 392 -47.91 -14.35 -31.85
N VAL D 393 -46.69 -14.70 -32.26
CA VAL D 393 -45.71 -15.31 -31.37
C VAL D 393 -44.51 -14.40 -31.13
N PHE D 394 -44.42 -13.28 -31.86
CA PHE D 394 -43.41 -12.28 -31.50
C PHE D 394 -43.65 -11.75 -30.09
N ALA D 395 -44.90 -11.71 -29.65
CA ALA D 395 -45.17 -11.52 -28.23
C ALA D 395 -44.58 -12.66 -27.41
N PHE D 396 -44.71 -13.89 -27.90
CA PHE D 396 -44.11 -15.03 -27.21
C PHE D 396 -42.62 -15.12 -27.46
N CYS D 397 -42.18 -14.79 -28.68
CA CYS D 397 -40.77 -14.92 -29.01
C CYS D 397 -39.91 -13.99 -28.17
N SER D 398 -40.51 -12.91 -27.63
CA SER D 398 -39.76 -12.03 -26.76
C SER D 398 -39.60 -12.61 -25.36
N MET D 399 -40.15 -13.81 -25.12
CA MET D 399 -39.88 -14.50 -23.87
C MET D 399 -38.40 -14.76 -23.68
N LEU D 400 -37.68 -14.97 -24.77
CA LEU D 400 -36.26 -15.30 -24.67
C LEU D 400 -35.47 -14.14 -24.10
N CYS D 401 -35.99 -12.91 -24.24
CA CYS D 401 -35.33 -11.76 -23.62
C CYS D 401 -35.31 -11.86 -22.11
N LEU D 402 -36.24 -12.62 -21.54
CA LEU D 402 -36.11 -12.99 -20.14
C LEU D 402 -35.45 -14.36 -19.98
N LEU D 403 -35.37 -15.13 -21.06
CA LEU D 403 -34.65 -16.41 -20.98
C LEU D 403 -33.18 -16.18 -20.69
N ASN D 404 -32.55 -15.23 -21.38
CA ASN D 404 -31.16 -14.92 -21.06
C ASN D 404 -31.04 -14.14 -19.76
N SER D 405 -32.18 -13.67 -19.24
CA SER D 405 -32.18 -13.03 -17.92
C SER D 405 -31.76 -14.01 -16.84
N THR D 406 -31.87 -15.31 -17.10
CA THR D 406 -31.41 -16.29 -16.14
C THR D 406 -30.01 -16.81 -16.49
N VAL D 407 -29.63 -16.79 -17.77
CA VAL D 407 -28.36 -17.41 -18.16
C VAL D 407 -27.20 -16.45 -17.98
N ASN D 408 -27.43 -15.13 -18.14
CA ASN D 408 -26.32 -14.19 -18.06
C ASN D 408 -25.67 -14.20 -16.67
N PRO D 409 -26.43 -14.02 -15.59
CA PRO D 409 -25.79 -14.08 -14.27
C PRO D 409 -25.25 -15.46 -13.92
N ILE D 410 -25.74 -16.52 -14.57
CA ILE D 410 -25.33 -17.86 -14.19
C ILE D 410 -24.13 -18.32 -15.01
N ILE D 411 -24.06 -17.92 -16.27
CA ILE D 411 -22.93 -18.32 -17.11
C ILE D 411 -21.71 -17.48 -16.83
N TYR D 412 -21.87 -16.15 -16.80
CA TYR D 412 -20.75 -15.26 -16.61
C TYR D 412 -20.25 -15.23 -15.18
N ALA D 413 -20.99 -15.80 -14.23
CA ALA D 413 -20.58 -15.77 -12.83
C ALA D 413 -20.36 -17.14 -12.22
N LEU D 414 -21.37 -18.03 -12.28
CA LEU D 414 -21.35 -19.18 -11.38
C LEU D 414 -20.69 -20.41 -12.00
N ARG D 415 -21.14 -20.87 -13.16
CA ARG D 415 -20.59 -22.11 -13.70
C ARG D 415 -19.16 -21.93 -14.18
N SER D 416 -18.69 -20.69 -14.29
CA SER D 416 -17.27 -20.42 -14.23
C SER D 416 -16.82 -20.49 -12.77
N LYS D 417 -15.76 -21.26 -12.51
CA LYS D 417 -15.45 -21.66 -11.14
C LYS D 417 -14.92 -20.54 -10.26
N ASP D 418 -14.86 -19.30 -10.76
CA ASP D 418 -14.45 -18.18 -9.92
C ASP D 418 -15.42 -17.98 -8.76
N LEU D 419 -16.72 -17.83 -9.07
CA LEU D 419 -17.74 -17.70 -8.03
C LEU D 419 -17.93 -18.98 -7.23
N ARG D 420 -17.46 -20.13 -7.75
CA ARG D 420 -17.75 -21.39 -7.08
C ARG D 420 -16.83 -21.66 -5.89
N HIS D 421 -15.86 -20.79 -5.64
CA HIS D 421 -15.05 -20.98 -4.43
C HIS D 421 -15.58 -20.12 -3.29
N ALA D 422 -16.29 -19.04 -3.62
CA ALA D 422 -16.88 -18.20 -2.58
C ALA D 422 -17.97 -18.95 -1.82
N PHE D 423 -18.79 -19.71 -2.53
CA PHE D 423 -19.86 -20.48 -1.90
C PHE D 423 -19.31 -21.66 -1.13
N VAL E 2 23.56 24.74 -1.77
CA VAL E 2 22.33 25.39 -2.17
C VAL E 2 22.61 26.80 -2.65
N GLN E 3 22.18 27.14 -3.86
CA GLN E 3 22.31 28.51 -4.30
C GLN E 3 21.32 28.79 -5.43
N LEU E 4 20.73 29.97 -5.38
CA LEU E 4 19.85 30.49 -6.41
C LEU E 4 20.53 31.71 -7.00
N VAL E 5 20.94 31.62 -8.25
CA VAL E 5 21.64 32.70 -8.93
C VAL E 5 20.77 33.10 -10.11
N GLU E 6 20.18 34.28 -10.05
CA GLU E 6 19.33 34.79 -11.11
C GLU E 6 19.96 36.00 -11.77
N SER E 7 19.94 36.00 -13.10
CA SER E 7 20.43 37.13 -13.88
C SER E 7 19.35 37.58 -14.84
N GLY E 8 19.70 38.50 -15.73
CA GLY E 8 18.71 39.17 -16.54
C GLY E 8 18.31 40.50 -15.93
N GLY E 9 17.60 41.28 -16.71
CA GLY E 9 17.29 42.62 -16.28
C GLY E 9 18.45 43.57 -16.47
N GLY E 10 18.38 44.67 -15.75
CA GLY E 10 19.31 45.77 -15.94
C GLY E 10 18.53 47.05 -16.07
N LEU E 11 18.71 47.76 -17.17
CA LEU E 11 17.89 48.92 -17.48
C LEU E 11 17.01 48.60 -18.67
N VAL E 12 15.76 49.06 -18.61
CA VAL E 12 14.77 48.77 -19.63
C VAL E 12 13.91 50.01 -19.84
N GLN E 13 13.63 50.32 -21.09
CA GLN E 13 12.78 51.46 -21.39
C GLN E 13 11.31 51.03 -21.20
N PRO E 14 10.46 51.93 -20.69
CA PRO E 14 9.10 51.53 -20.28
C PRO E 14 8.31 50.92 -21.41
N GLY E 15 7.44 49.98 -21.06
CA GLY E 15 6.69 49.23 -22.04
C GLY E 15 7.43 48.05 -22.61
N GLY E 16 8.73 47.95 -22.36
CA GLY E 16 9.53 46.86 -22.89
C GLY E 16 9.24 45.53 -22.22
N SER E 17 10.22 44.63 -22.26
CA SER E 17 10.02 43.30 -21.72
C SER E 17 11.38 42.68 -21.45
N ARG E 18 11.49 42.01 -20.30
CA ARG E 18 12.69 41.24 -19.97
C ARG E 18 12.29 39.85 -19.54
N LYS E 19 13.30 39.02 -19.32
CA LYS E 19 13.13 37.61 -18.98
C LYS E 19 14.10 37.31 -17.85
N LEU E 20 13.64 37.43 -16.61
CA LEU E 20 14.47 37.05 -15.49
C LEU E 20 14.51 35.55 -15.36
N SER E 21 15.68 35.01 -15.02
CA SER E 21 15.85 33.59 -14.85
C SER E 21 16.72 33.35 -13.63
N CYS E 22 16.33 32.38 -12.81
CA CYS E 22 17.07 32.02 -11.61
C CYS E 22 17.49 30.56 -11.73
N SER E 23 18.80 30.33 -11.88
CA SER E 23 19.33 29.00 -12.11
C SER E 23 19.61 28.35 -10.76
N ALA E 24 18.68 27.52 -10.31
CA ALA E 24 18.87 26.81 -9.06
C ALA E 24 20.00 25.80 -9.20
N SER E 25 20.64 25.49 -8.07
CA SER E 25 21.68 24.48 -8.06
C SER E 25 21.99 24.12 -6.61
N GLY E 26 21.98 22.82 -6.32
CA GLY E 26 22.29 22.35 -4.99
C GLY E 26 21.11 21.81 -4.19
N PHE E 27 19.97 21.60 -4.83
CA PHE E 27 18.82 21.05 -4.13
C PHE E 27 17.84 20.49 -5.17
N ALA E 28 16.84 19.77 -4.67
CA ALA E 28 15.85 19.11 -5.51
C ALA E 28 14.89 20.18 -6.01
N PHE E 29 15.27 20.84 -7.10
CA PHE E 29 14.49 21.97 -7.60
C PHE E 29 13.07 21.58 -7.97
N SER E 30 12.85 20.32 -8.33
CA SER E 30 11.50 19.92 -8.71
C SER E 30 10.56 19.89 -7.52
N SER E 31 11.08 19.68 -6.32
CA SER E 31 10.24 19.54 -5.14
C SER E 31 9.82 20.87 -4.54
N PHE E 32 10.40 21.98 -5.00
CA PHE E 32 10.23 23.27 -4.36
C PHE E 32 9.31 24.16 -5.16
N GLY E 33 8.32 24.74 -4.49
CA GLY E 33 7.64 25.88 -5.03
C GLY E 33 8.56 27.08 -5.05
N MET E 34 8.34 27.96 -6.01
CA MET E 34 9.28 29.06 -6.26
C MET E 34 8.52 30.37 -6.33
N HIS E 35 8.81 31.27 -5.42
CA HIS E 35 8.23 32.60 -5.41
C HIS E 35 9.16 33.56 -6.15
N TRP E 36 8.63 34.74 -6.44
CA TRP E 36 9.44 35.90 -6.77
C TRP E 36 9.05 36.98 -5.80
N VAL E 37 10.03 37.71 -5.28
CA VAL E 37 9.75 38.70 -4.27
C VAL E 37 10.50 39.98 -4.63
N ARG E 38 9.75 41.01 -4.94
CA ARG E 38 10.28 42.27 -5.43
C ARG E 38 10.59 43.18 -4.27
N GLN E 39 11.65 43.99 -4.42
CA GLN E 39 12.00 44.95 -3.38
C GLN E 39 12.38 46.27 -4.04
N ALA E 40 11.46 47.23 -4.03
CA ALA E 40 11.71 48.50 -4.66
C ALA E 40 12.88 49.21 -3.99
N PRO E 41 13.48 50.19 -4.67
CA PRO E 41 14.68 50.84 -4.14
C PRO E 41 14.38 51.57 -2.84
N GLU E 42 15.08 51.15 -1.78
CA GLU E 42 14.92 51.74 -0.45
C GLU E 42 13.47 51.62 0.02
N LYS E 43 12.92 50.41 -0.12
CA LYS E 43 11.54 50.15 0.26
C LYS E 43 11.44 48.71 0.75
N GLY E 44 10.22 48.22 0.91
CA GLY E 44 9.98 46.93 1.51
C GLY E 44 9.90 45.82 0.49
N LEU E 45 9.60 44.63 1.01
CA LEU E 45 9.45 43.45 0.18
C LEU E 45 8.03 43.37 -0.34
N GLU E 46 7.88 42.78 -1.52
CA GLU E 46 6.59 42.69 -2.15
C GLU E 46 6.54 41.39 -2.93
N TRP E 47 5.59 40.53 -2.61
CA TRP E 47 5.44 39.29 -3.34
C TRP E 47 4.99 39.57 -4.76
N VAL E 48 5.53 38.81 -5.71
CA VAL E 48 5.28 39.05 -7.12
C VAL E 48 4.51 37.88 -7.73
N ALA E 49 5.11 36.70 -7.73
CA ALA E 49 4.54 35.55 -8.41
C ALA E 49 4.81 34.30 -7.59
N TYR E 50 4.14 33.22 -7.97
CA TYR E 50 4.34 31.94 -7.32
C TYR E 50 4.00 30.82 -8.28
N ILE E 51 4.92 29.88 -8.44
CA ILE E 51 4.69 28.67 -9.23
C ILE E 51 5.04 27.50 -8.33
N SER E 52 4.07 26.63 -8.09
CA SER E 52 4.30 25.53 -7.18
C SER E 52 5.18 24.47 -7.85
N SER E 53 5.47 23.42 -7.10
CA SER E 53 6.20 22.30 -7.67
C SER E 53 5.30 21.54 -8.63
N GLY E 54 5.87 21.10 -9.75
CA GLY E 54 5.06 20.51 -10.79
C GLY E 54 4.31 21.50 -11.65
N SER E 55 4.40 22.79 -11.34
CA SER E 55 3.78 23.86 -12.11
C SER E 55 2.27 23.83 -12.09
N GLY E 56 1.67 23.01 -11.24
CA GLY E 56 0.23 22.88 -11.19
C GLY E 56 -0.50 23.99 -10.49
N THR E 57 0.14 25.13 -10.29
CA THR E 57 -0.44 26.25 -9.56
C THR E 57 0.42 27.48 -9.79
N ILE E 58 -0.22 28.60 -10.08
CA ILE E 58 0.48 29.86 -10.28
C ILE E 58 -0.37 30.98 -9.73
N TYR E 59 0.22 31.77 -8.84
CA TYR E 59 -0.45 32.93 -8.28
C TYR E 59 0.37 34.18 -8.60
N TYR E 60 -0.29 35.33 -8.54
CA TYR E 60 0.35 36.59 -8.84
C TYR E 60 -0.16 37.64 -7.87
N ALA E 61 0.61 38.72 -7.75
CA ALA E 61 0.07 39.88 -7.08
C ALA E 61 -0.88 40.60 -8.01
N ASP E 62 -1.82 41.35 -7.42
CA ASP E 62 -2.78 42.10 -8.22
C ASP E 62 -2.09 43.12 -9.11
N THR E 63 -0.90 43.58 -8.74
CA THR E 63 -0.18 44.57 -9.54
C THR E 63 0.34 43.98 -10.85
N VAL E 64 0.58 42.67 -10.89
CA VAL E 64 1.26 42.08 -12.03
C VAL E 64 0.44 40.94 -12.57
N LYS E 65 -0.88 41.03 -12.42
CA LYS E 65 -1.75 39.89 -12.67
C LYS E 65 -1.70 39.45 -14.13
N GLY E 66 -1.49 40.39 -15.04
CA GLY E 66 -1.53 40.05 -16.45
C GLY E 66 -0.24 40.33 -17.21
N ARG E 67 0.71 40.98 -16.55
CA ARG E 67 1.93 41.41 -17.22
C ARG E 67 3.07 40.43 -17.04
N PHE E 68 3.12 39.73 -15.91
CA PHE E 68 4.22 38.83 -15.60
C PHE E 68 3.76 37.39 -15.74
N THR E 69 4.66 36.55 -16.23
CA THR E 69 4.38 35.14 -16.48
C THR E 69 5.50 34.32 -15.86
N ILE E 70 5.24 33.72 -14.72
CA ILE E 70 6.20 32.87 -14.04
C ILE E 70 6.14 31.48 -14.66
N SER E 71 7.30 30.87 -14.84
CA SER E 71 7.42 29.58 -15.50
C SER E 71 8.75 28.97 -15.12
N ARG E 72 8.81 27.64 -15.10
CA ARG E 72 9.98 26.94 -14.58
C ARG E 72 10.35 25.80 -15.52
N ASP E 73 11.64 25.51 -15.58
CA ASP E 73 12.19 24.46 -16.43
C ASP E 73 12.88 23.44 -15.53
N ASP E 74 12.11 22.46 -15.07
CA ASP E 74 12.63 21.50 -14.09
C ASP E 74 13.83 20.71 -14.58
N PRO E 75 13.86 20.17 -15.80
CA PRO E 75 15.09 19.50 -16.26
C PRO E 75 16.30 20.41 -16.31
N LYS E 76 16.09 21.71 -16.53
CA LYS E 76 17.19 22.67 -16.58
C LYS E 76 17.43 23.34 -15.23
N ASN E 77 16.52 23.19 -14.27
CA ASN E 77 16.65 23.81 -12.95
C ASN E 77 16.68 25.33 -13.08
N THR E 78 15.68 25.89 -13.75
CA THR E 78 15.61 27.33 -13.89
C THR E 78 14.19 27.83 -13.70
N LEU E 79 14.06 28.95 -13.01
CA LEU E 79 12.80 29.66 -12.85
C LEU E 79 12.84 30.93 -13.67
N PHE E 80 11.76 31.21 -14.40
CA PHE E 80 11.70 32.33 -15.32
C PHE E 80 10.57 33.27 -14.93
N LEU E 81 10.77 34.55 -15.21
CA LEU E 81 9.73 35.56 -15.02
C LEU E 81 9.68 36.39 -16.30
N GLN E 82 8.62 36.22 -17.08
CA GLN E 82 8.45 36.98 -18.31
C GLN E 82 7.65 38.24 -18.00
N MET E 83 8.25 39.39 -18.29
CA MET E 83 7.65 40.68 -18.02
C MET E 83 7.23 41.31 -19.34
N THR E 84 6.05 41.93 -19.34
CA THR E 84 5.55 42.58 -20.54
C THR E 84 4.97 43.93 -20.15
N SER E 85 5.35 44.98 -20.89
CA SER E 85 4.91 46.34 -20.63
C SER E 85 5.37 46.80 -19.24
N LEU E 86 6.69 46.83 -19.08
CA LEU E 86 7.29 47.17 -17.80
C LEU E 86 6.99 48.63 -17.45
N ARG E 87 6.34 48.83 -16.32
CA ARG E 87 6.02 50.15 -15.81
C ARG E 87 7.15 50.63 -14.92
N SER E 88 7.13 51.92 -14.59
CA SER E 88 8.17 52.45 -13.72
C SER E 88 8.08 51.90 -12.31
N GLU E 89 6.90 51.45 -11.89
CA GLU E 89 6.74 50.87 -10.56
C GLU E 89 7.26 49.46 -10.45
N ASP E 90 7.80 48.89 -11.53
CA ASP E 90 8.40 47.56 -11.51
C ASP E 90 9.90 47.61 -11.32
N THR E 91 10.45 48.78 -11.03
CA THR E 91 11.88 48.91 -10.75
C THR E 91 12.17 48.37 -9.36
N ALA E 92 13.01 47.34 -9.28
CA ALA E 92 13.34 46.77 -7.98
C ALA E 92 14.39 45.69 -8.15
N MET E 93 14.82 45.13 -7.04
CA MET E 93 15.65 43.93 -7.03
C MET E 93 14.72 42.73 -6.86
N TYR E 94 14.70 41.83 -7.83
CA TYR E 94 13.73 40.74 -7.82
C TYR E 94 14.40 39.50 -7.26
N TYR E 95 13.99 39.09 -6.08
CA TYR E 95 14.55 37.91 -5.44
C TYR E 95 13.77 36.68 -5.85
N CYS E 96 14.48 35.57 -6.03
CA CYS E 96 13.85 34.29 -6.26
C CYS E 96 13.92 33.50 -4.96
N VAL E 97 12.77 33.03 -4.49
CA VAL E 97 12.67 32.41 -3.19
C VAL E 97 12.20 30.98 -3.36
N ARG E 98 12.83 30.05 -2.66
CA ARG E 98 12.42 28.66 -2.70
C ARG E 98 11.65 28.33 -1.44
N SER E 99 10.49 27.69 -1.60
CA SER E 99 9.64 27.38 -0.47
C SER E 99 9.07 25.99 -0.67
N ILE E 100 9.18 25.15 0.34
CA ILE E 100 8.71 23.77 0.25
C ILE E 100 7.66 23.57 1.32
N TYR E 101 6.54 22.98 0.94
CA TYR E 101 5.36 22.91 1.79
C TYR E 101 5.03 21.44 2.07
N TYR E 102 5.17 21.05 3.32
CA TYR E 102 4.58 19.82 3.84
C TYR E 102 4.43 20.04 5.33
N TYR E 103 3.85 19.05 6.01
CA TYR E 103 3.69 19.21 7.44
C TYR E 103 5.03 19.32 8.13
N GLY E 104 5.32 20.48 8.70
CA GLY E 104 6.56 20.69 9.42
C GLY E 104 7.67 21.33 8.61
N SER E 105 7.40 21.77 7.39
CA SER E 105 8.44 22.32 6.55
C SER E 105 8.68 23.79 6.90
N SER E 106 9.59 24.43 6.18
CA SER E 106 9.95 25.82 6.43
C SER E 106 9.96 26.56 5.09
N PRO E 107 8.84 27.15 4.71
CA PRO E 107 8.80 27.93 3.47
C PRO E 107 9.69 29.16 3.56
N PHE E 108 10.10 29.65 2.40
CA PHE E 108 10.87 30.89 2.30
C PHE E 108 12.22 30.77 3.00
N ASP E 109 12.76 29.57 3.09
CA ASP E 109 13.97 29.38 3.86
C ASP E 109 15.23 29.80 3.12
N PHE E 110 15.19 29.88 1.80
CA PHE E 110 16.37 30.30 1.06
C PHE E 110 15.98 31.29 -0.02
N TRP E 111 16.72 32.38 -0.10
CA TRP E 111 16.46 33.49 -1.01
C TRP E 111 17.64 33.65 -1.94
N GLY E 112 17.36 33.74 -3.24
CA GLY E 112 18.41 34.07 -4.17
C GLY E 112 19.02 35.42 -3.89
N GLN E 113 20.19 35.65 -4.47
CA GLN E 113 20.88 36.91 -4.19
C GLN E 113 20.20 38.11 -4.82
N GLY E 114 19.39 37.90 -5.84
CA GLY E 114 18.63 39.01 -6.38
C GLY E 114 19.22 39.61 -7.63
N THR E 115 18.37 39.94 -8.59
CA THR E 115 18.77 40.59 -9.83
C THR E 115 18.07 41.93 -9.91
N THR E 116 18.83 42.98 -10.20
CA THR E 116 18.30 44.32 -10.25
C THR E 116 17.70 44.59 -11.61
N LEU E 117 16.68 45.45 -11.63
CA LEU E 117 15.94 45.75 -12.85
C LEU E 117 15.45 47.20 -12.75
N THR E 118 16.18 48.12 -13.34
CA THR E 118 15.83 49.53 -13.30
C THR E 118 15.11 49.89 -14.60
N VAL E 119 13.80 50.04 -14.52
CA VAL E 119 13.02 50.47 -15.67
C VAL E 119 13.21 51.97 -15.88
N SER E 120 13.42 52.37 -17.13
CA SER E 120 13.72 53.76 -17.44
C SER E 120 12.49 54.64 -17.18
N SER E 121 12.66 55.93 -17.35
CA SER E 121 11.58 56.88 -17.15
C SER E 121 11.96 58.27 -17.62
N SER E 136 -9.57 43.52 1.70
CA SER E 136 -9.36 42.55 0.63
C SER E 136 -8.11 41.70 0.89
N ASP E 137 -7.05 42.36 1.35
CA ASP E 137 -5.77 41.70 1.60
C ASP E 137 -5.39 41.90 3.06
N ILE E 138 -4.67 40.92 3.61
CA ILE E 138 -4.11 41.10 4.95
C ILE E 138 -3.09 42.22 4.89
N VAL E 139 -3.20 43.16 5.83
CA VAL E 139 -2.29 44.29 5.91
C VAL E 139 -1.40 44.08 7.13
N MET E 140 -0.11 43.86 6.87
CA MET E 140 0.85 43.68 7.95
C MET E 140 1.43 45.04 8.31
N THR E 141 1.19 45.47 9.54
CA THR E 141 1.56 46.82 9.97
C THR E 141 2.56 46.70 11.11
N GLN E 142 3.81 47.02 10.83
CA GLN E 142 4.80 47.25 11.87
C GLN E 142 5.31 48.68 11.66
N ALA E 143 4.56 49.63 12.22
CA ALA E 143 4.78 51.05 11.97
C ALA E 143 6.03 51.59 12.63
N THR E 144 6.78 50.76 13.34
CA THR E 144 8.06 51.18 13.88
C THR E 144 9.10 51.23 12.77
N SER E 145 10.20 51.91 13.07
CA SER E 145 11.30 52.01 12.12
C SER E 145 12.50 52.64 12.82
N SER E 146 13.70 52.11 12.57
CA SER E 146 14.94 52.65 13.10
C SER E 146 14.95 52.60 14.63
N VAL E 147 14.77 51.39 15.16
CA VAL E 147 14.86 51.15 16.59
C VAL E 147 16.33 51.05 16.98
N PRO E 148 16.91 52.08 17.59
CA PRO E 148 18.35 52.06 17.86
C PRO E 148 18.68 51.25 19.11
N VAL E 149 19.76 50.47 19.03
CA VAL E 149 20.19 49.61 20.11
C VAL E 149 21.69 49.39 20.00
N THR E 150 22.29 48.94 21.07
CA THR E 150 23.69 48.53 21.14
C THR E 150 23.80 47.06 21.49
N PRO E 151 24.89 46.41 21.06
CA PRO E 151 24.99 44.96 21.22
C PRO E 151 24.89 44.52 22.67
N GLY E 152 24.44 43.29 22.86
CA GLY E 152 24.15 42.77 24.18
C GLY E 152 22.81 43.13 24.75
N GLU E 153 22.03 43.96 24.06
CA GLU E 153 20.72 44.40 24.53
C GLU E 153 19.64 43.44 24.06
N SER E 154 18.50 43.50 24.75
CA SER E 154 17.34 42.68 24.43
C SER E 154 16.32 43.54 23.70
N VAL E 155 15.98 43.16 22.48
CA VAL E 155 15.14 43.96 21.60
C VAL E 155 13.84 43.23 21.36
N SER E 156 12.77 43.99 21.13
CA SER E 156 11.46 43.44 20.81
C SER E 156 10.90 44.16 19.61
N ILE E 157 10.37 43.39 18.66
CA ILE E 157 9.78 43.93 17.44
C ILE E 157 8.40 43.33 17.27
N SER E 158 7.46 44.16 16.82
CA SER E 158 6.08 43.73 16.71
C SER E 158 5.52 44.18 15.36
N CYS E 159 4.55 43.43 14.87
CA CYS E 159 3.82 43.84 13.69
C CYS E 159 2.40 43.31 13.80
N ARG E 160 1.44 44.20 13.66
CA ARG E 160 0.03 43.87 13.77
C ARG E 160 -0.51 43.44 12.42
N SER E 161 -1.40 42.46 12.44
CA SER E 161 -2.06 41.99 11.24
C SER E 161 -3.47 42.53 11.16
N SER E 162 -3.91 42.88 9.95
CA SER E 162 -5.27 43.36 9.77
C SER E 162 -6.30 42.27 10.00
N LYS E 163 -5.89 41.01 9.96
CA LYS E 163 -6.77 39.88 10.22
C LYS E 163 -6.04 38.89 11.10
N SER E 164 -6.80 38.10 11.87
CA SER E 164 -6.21 37.06 12.70
C SER E 164 -5.48 36.03 11.84
N LEU E 165 -4.16 35.97 11.95
CA LEU E 165 -3.42 34.99 11.18
C LEU E 165 -3.52 33.60 11.77
N LEU E 166 -4.06 33.46 12.98
CA LEU E 166 -4.35 32.15 13.52
C LEU E 166 -5.42 31.47 12.69
N HIS E 167 -5.05 30.40 12.00
CA HIS E 167 -5.99 29.61 11.25
C HIS E 167 -6.63 28.57 12.17
N SER E 168 -7.76 28.03 11.73
CA SER E 168 -8.54 27.14 12.58
C SER E 168 -7.78 25.87 12.95
N ASN E 169 -6.78 25.49 12.16
CA ASN E 169 -6.02 24.27 12.43
C ASN E 169 -4.89 24.45 13.43
N GLY E 170 -4.81 25.61 14.09
CA GLY E 170 -3.81 25.86 15.10
C GLY E 170 -2.61 26.63 14.61
N ASN E 171 -2.24 26.47 13.33
CA ASN E 171 -1.10 27.19 12.80
C ASN E 171 -1.44 28.66 12.61
N THR E 172 -0.64 29.52 13.22
CA THR E 172 -0.65 30.94 12.90
C THR E 172 0.49 31.19 11.92
N TYR E 173 0.16 31.79 10.78
CA TYR E 173 1.08 31.84 9.66
C TYR E 173 1.78 33.19 9.60
N LEU E 174 2.74 33.38 10.49
CA LEU E 174 3.56 34.59 10.52
C LEU E 174 5.02 34.21 10.36
N TYR E 175 5.67 34.80 9.36
CA TYR E 175 7.08 34.55 9.14
C TYR E 175 7.86 35.83 9.39
N TRP E 176 9.00 35.71 10.06
CA TRP E 176 9.88 36.84 10.32
C TRP E 176 11.14 36.70 9.48
N PHE E 177 11.45 37.72 8.71
CA PHE E 177 12.63 37.72 7.86
C PHE E 177 13.61 38.79 8.32
N LEU E 178 14.87 38.59 7.96
CA LEU E 178 15.94 39.51 8.33
C LEU E 178 16.77 39.78 7.10
N GLN E 179 16.81 41.03 6.68
CA GLN E 179 17.62 41.43 5.53
C GLN E 179 18.76 42.31 6.01
N ARG E 180 19.94 41.72 6.14
CA ARG E 180 21.11 42.49 6.49
C ARG E 180 21.49 43.42 5.36
N PRO E 181 22.30 44.42 5.62
CA PRO E 181 22.63 45.38 4.56
C PRO E 181 23.50 44.78 3.47
N GLY E 182 22.97 44.74 2.24
CA GLY E 182 23.68 44.19 1.11
C GLY E 182 23.42 42.71 0.88
N GLN E 183 22.70 42.05 1.77
CA GLN E 183 22.40 40.64 1.66
C GLN E 183 21.00 40.46 1.10
N SER E 184 20.64 39.20 0.88
CA SER E 184 19.26 38.84 0.64
C SER E 184 18.61 38.48 1.97
N PRO E 185 17.29 38.53 2.06
CA PRO E 185 16.64 38.22 3.33
C PRO E 185 16.89 36.79 3.77
N GLN E 186 16.79 36.58 5.07
CA GLN E 186 16.98 35.28 5.69
C GLN E 186 15.76 34.93 6.51
N LEU E 187 15.30 33.71 6.41
CA LEU E 187 14.21 33.26 7.28
C LEU E 187 14.71 33.15 8.70
N LEU E 188 14.02 33.80 9.64
CA LEU E 188 14.33 33.70 11.06
C LEU E 188 13.33 32.84 11.80
N ILE E 189 12.04 33.10 11.65
CA ILE E 189 10.99 32.36 12.33
C ILE E 189 9.88 32.09 11.35
N TYR E 190 9.57 30.82 11.12
CA TYR E 190 8.36 30.45 10.40
C TYR E 190 7.25 30.28 11.43
N ARG E 191 6.15 29.62 11.05
CA ARG E 191 4.79 30.03 11.36
C ARG E 191 4.61 30.85 12.63
N MET E 192 5.09 30.37 13.77
CA MET E 192 5.27 31.27 14.90
C MET E 192 6.02 30.56 16.01
N SER E 193 7.09 31.17 16.49
CA SER E 193 7.95 30.54 17.50
C SER E 193 8.60 29.27 16.98
N ASN E 194 8.72 29.14 15.66
CA ASN E 194 9.48 28.08 15.06
C ASN E 194 10.76 28.64 14.46
N LEU E 195 11.87 28.30 15.06
CA LEU E 195 13.16 28.89 14.73
C LEU E 195 13.74 28.17 13.54
N ALA E 196 14.03 28.91 12.48
CA ALA E 196 14.56 28.30 11.27
C ALA E 196 15.92 27.68 11.54
N SER E 197 16.20 26.57 10.87
CA SER E 197 17.48 25.90 11.06
C SER E 197 18.62 26.79 10.60
N GLY E 198 19.67 26.87 11.41
CA GLY E 198 20.79 27.74 11.14
C GLY E 198 20.69 29.10 11.78
N VAL E 199 19.63 29.37 12.53
CA VAL E 199 19.45 30.66 13.19
C VAL E 199 19.80 30.55 14.66
N PRO E 200 20.52 31.52 15.21
CA PRO E 200 20.84 31.47 16.65
C PRO E 200 19.58 31.51 17.49
N ASP E 201 19.56 30.70 18.54
CA ASP E 201 18.34 30.55 19.34
C ASP E 201 18.05 31.77 20.21
N ARG E 202 18.90 32.80 20.20
CA ARG E 202 18.54 34.01 20.90
C ARG E 202 17.27 34.64 20.34
N PHE E 203 17.07 34.53 19.03
CA PHE E 203 15.80 34.90 18.43
C PHE E 203 14.68 34.04 18.99
N SER E 204 13.55 34.66 19.27
CA SER E 204 12.37 33.92 19.70
C SER E 204 11.14 34.63 19.18
N GLY E 205 10.15 33.84 18.78
CA GLY E 205 8.96 34.43 18.22
C GLY E 205 7.75 34.20 19.10
N SER E 206 6.97 35.25 19.32
CA SER E 206 5.79 35.15 20.16
C SER E 206 4.66 35.93 19.53
N GLY E 207 3.44 35.62 19.96
CA GLY E 207 2.27 36.31 19.48
C GLY E 207 1.09 35.38 19.57
N SER E 208 -0.09 35.96 19.36
CA SER E 208 -1.28 35.13 19.22
C SER E 208 -2.42 35.95 18.62
N GLY E 209 -2.86 35.58 17.43
CA GLY E 209 -3.95 36.29 16.79
C GLY E 209 -3.50 37.34 15.79
N THR E 210 -3.46 38.61 16.21
CA THR E 210 -3.12 39.71 15.31
C THR E 210 -1.97 40.55 15.81
N ALA E 211 -1.40 40.23 16.97
CA ALA E 211 -0.27 40.97 17.53
C ALA E 211 0.87 40.00 17.73
N PHE E 212 2.00 40.29 17.10
CA PHE E 212 3.11 39.37 17.03
C PHE E 212 4.39 40.08 17.45
N THR E 213 5.32 39.35 18.03
CA THR E 213 6.54 39.95 18.56
C THR E 213 7.73 39.05 18.25
N LEU E 214 8.77 39.65 17.70
CA LEU E 214 10.06 39.01 17.54
C LEU E 214 10.97 39.51 18.65
N THR E 215 11.31 38.63 19.59
CA THR E 215 12.16 38.99 20.71
C THR E 215 13.57 38.50 20.46
N ILE E 216 14.54 39.40 20.54
CA ILE E 216 15.95 39.07 20.47
C ILE E 216 16.50 39.15 21.88
N SER E 217 16.97 38.02 22.41
CA SER E 217 17.41 37.98 23.80
C SER E 217 18.60 38.91 24.02
N ARG E 218 19.70 38.65 23.33
CA ARG E 218 20.88 39.52 23.40
C ARG E 218 21.29 39.86 21.98
N LEU E 219 21.17 41.14 21.64
CA LEU E 219 21.47 41.58 20.29
C LEU E 219 22.98 41.53 20.04
N GLU E 220 23.35 41.22 18.81
CA GLU E 220 24.75 41.06 18.43
C GLU E 220 25.09 42.03 17.30
N ALA E 221 26.34 41.98 16.85
CA ALA E 221 26.79 42.88 15.80
C ALA E 221 26.25 42.49 14.43
N GLU E 222 25.80 41.25 14.26
CA GLU E 222 25.22 40.80 13.00
C GLU E 222 23.70 40.85 12.99
N ASP E 223 23.06 41.00 14.15
CA ASP E 223 21.61 41.14 14.21
C ASP E 223 21.19 42.55 13.89
N VAL E 224 21.66 43.08 12.76
CA VAL E 224 21.42 44.47 12.38
C VAL E 224 20.92 44.49 10.95
N GLY E 225 19.78 45.11 10.74
CA GLY E 225 19.17 45.18 9.43
C GLY E 225 17.67 45.26 9.57
N VAL E 226 17.01 45.31 8.43
CA VAL E 226 15.56 45.45 8.41
C VAL E 226 14.93 44.10 8.72
N TYR E 227 13.90 44.09 9.56
CA TYR E 227 13.20 42.86 9.92
C TYR E 227 11.77 42.94 9.41
N TYR E 228 11.46 42.14 8.41
CA TYR E 228 10.12 42.10 7.84
C TYR E 228 9.36 40.94 8.45
N CYS E 229 8.05 41.09 8.54
CA CYS E 229 7.19 39.97 8.89
C CYS E 229 6.23 39.72 7.73
N MET E 230 5.89 38.47 7.53
CA MET E 230 5.05 38.11 6.40
C MET E 230 3.91 37.27 6.90
N GLN E 231 2.75 37.42 6.28
CA GLN E 231 1.66 36.50 6.48
C GLN E 231 1.68 35.50 5.35
N HIS E 232 1.62 34.22 5.67
CA HIS E 232 1.45 33.21 4.65
C HIS E 232 0.14 32.48 4.85
N LEU E 233 -0.88 33.24 5.23
CA LEU E 233 -2.20 32.65 5.46
C LEU E 233 -2.98 32.49 4.17
N GLU E 234 -2.94 33.51 3.31
CA GLU E 234 -3.66 33.44 2.04
C GLU E 234 -3.01 34.40 1.08
N TYR E 235 -3.23 34.17 -0.16
CA TYR E 235 -2.59 34.95 -1.20
C TYR E 235 -3.42 36.18 -1.56
N PRO E 236 -2.77 37.29 -1.93
CA PRO E 236 -1.32 37.45 -2.07
C PRO E 236 -0.60 37.44 -0.73
N LEU E 237 0.71 37.28 -0.76
CA LEU E 237 1.53 37.27 0.44
C LEU E 237 2.00 38.69 0.69
N THR E 238 1.73 39.21 1.87
CA THR E 238 2.01 40.59 2.20
C THR E 238 3.09 40.65 3.26
N PHE E 239 4.12 41.45 3.00
CA PHE E 239 5.16 41.73 3.97
C PHE E 239 4.84 42.99 4.73
N GLY E 240 5.14 42.98 6.01
CA GLY E 240 5.14 44.22 6.74
C GLY E 240 6.21 45.15 6.22
N ALA E 241 6.00 46.44 6.40
CA ALA E 241 7.05 47.39 6.11
C ALA E 241 8.27 47.11 6.98
N GLY E 242 9.41 47.64 6.57
CA GLY E 242 10.64 47.35 7.28
C GLY E 242 10.65 47.94 8.67
N THR E 243 11.22 47.18 9.61
CA THR E 243 11.57 47.68 10.93
C THR E 243 13.09 47.62 11.04
N LYS E 244 13.74 48.75 10.82
CA LYS E 244 15.19 48.73 10.80
C LYS E 244 15.76 48.80 12.20
N LEU E 245 16.89 48.13 12.39
CA LEU E 245 17.64 48.13 13.65
C LEU E 245 19.04 48.64 13.37
N GLU E 246 19.27 49.92 13.62
CA GLU E 246 20.58 50.53 13.47
C GLU E 246 21.22 50.71 14.84
N LEU E 247 22.49 50.36 14.95
CA LEU E 247 23.19 50.43 16.22
C LEU E 247 24.01 51.72 16.34
N KCA F . -41.18 -3.54 -24.74
CA KCA F . -42.07 -3.25 -25.85
C KCA F . -43.04 -2.22 -25.27
O KCA F . -43.59 -2.45 -24.25
CB KCA F . -42.81 -4.49 -26.39
CG1 KCA F . -44.04 -4.15 -27.26
CG2 KCA F . -43.20 -5.39 -25.21
CAB KCA F . -39.76 -3.88 -24.86
CAG KCA F . -42.20 -0.15 -25.76
CAL KCA F . -41.90 -5.27 -27.34
CAM KCA F . -39.03 -4.01 -26.21
CAP KCA F . -37.55 -2.80 -29.22
CAQ KCA F . -37.25 -1.34 -28.95
CAR KCA F . -36.68 -0.91 -27.78
CAS KCA F . -36.42 0.43 -27.60
CAT KCA F . -36.73 1.35 -28.59
CAV KCA F . -37.29 0.92 -29.77
CAW KCA F . -37.55 -0.43 -29.95
CAX KCA F . -37.98 -4.88 -27.97
CAY KCA F . -38.59 -5.24 -26.79
CAZ KCA F . -38.64 -6.61 -26.41
CBA KCA F . -38.10 -7.58 -27.23
CBB KCA F . -37.49 -7.21 -28.44
CBC KCA F . -37.43 -5.87 -28.82
FAU KCA F . -36.48 2.68 -28.41
NAN KCA F . -38.71 -3.02 -27.02
NAO KCA F . -38.07 -3.54 -28.08
OAA KCA F . -39.12 -4.08 -23.89
OAF KCA F . -43.26 -1.03 -25.94
H1 KCA F . -41.51 -3.48 -23.96
H2 KCA F . -41.57 -2.82 -26.56
H3 KCA F . -43.40 -3.56 -27.68
H4 KCA F . -44.54 -3.34 -27.36
H5 KCA F . -44.54 -4.13 -26.43
H6 KCA F . -43.84 -6.07 -25.49
H7 KCA F . -43.59 -4.88 -24.49
H8 KCA F . -42.42 -5.83 -24.86
H9 KCA F . -41.54 -0.30 -26.45
H10 KCA F . -42.53 0.76 -25.82
H11 KCA F . -41.79 -0.29 -24.90
H12 KCA F . -41.35 -5.89 -26.85
H13 KCA F . -41.33 -4.66 -27.84
H14 KCA F . -42.45 -5.76 -27.98
H15 KCA F . -36.74 -3.23 -29.54
H16 KCA F . -38.22 -2.82 -29.93
H17 KCA F . -36.48 -1.52 -27.11
H18 KCA F . -36.05 0.72 -26.81
H19 KCA F . -37.50 1.52 -30.44
H20 KCA F . -37.93 -0.72 -30.74
H21 KCA F . -39.05 -6.85 -25.61
H22 KCA F . -38.13 -8.47 -26.98
H23 KCA F . -37.12 -7.86 -28.99
H24 KCA F . -37.03 -5.64 -29.61
#